data_2ZBF
#
_entry.id   2ZBF
#
_cell.length_a   90.522
_cell.length_b   136.473
_cell.length_c   106.619
_cell.angle_alpha   90
_cell.angle_beta   90
_cell.angle_gamma   90
#
_symmetry.space_group_name_H-M   'P 21 21 2'
#
loop_
_entity.id
_entity.type
_entity.pdbx_description
1 polymer 'Sarcoplasmic/endoplasmic reticulum calcium ATPase 1'
2 non-polymer 'MAGNESIUM ION'
3 non-polymer 'BERYLLIUM TRIFLUORIDE ION'
4 non-polymer 'OCTANOIC ACID [3S-[3ALPHA, 3ABETA, 4ALPHA, 6BETA, 6ABETA, 7BETA, 8ALPHA(Z), 9BALPHA]]-6-(ACETYLOXY)-2,3,-3A,4,5,6,6A,7,8,9B-DECAHYDRO-3,3A-DIHYDROXY-3,6,9-TRIMETHYL-8-[(2-METHYL-1-OXO-2-BUTENYL)OX Y]-2-OXO-4-(1-OXOBUTOXY)-AZULENO[4,5-B]FURAN-7-YL ESTER'
5 water water
#
_entity_poly.entity_id   1
_entity_poly.type   'polypeptide(L)'
_entity_poly.pdbx_seq_one_letter_code
;(ACE)MEAAHSKSTEECLAYFGVSETTGLTPDQVKRHLEKYGHNELPAEEGKSLWELVIEQFEDLLVRILLLAACISFVL
AWFEEGEETITAFVEPFVILLILIANAIVGVWQERNAENAIEALKEYEPEMGKVYRADRKSVQRIKARDIVPGDIVEVAV
GDKVPADIRILSIKSTTLRVDQSILTGESVSVIKHTEPVPDPRAVNQDKKNMLFSGTNIAAGKALGIVATTGVSTEIGKI
RDQMAATEQDKTPLQQKLDEFGEQLSKVISLICVAVWLINIGHFNDPVHGGSWIRGAIYYFKIAVALAVAAIPEGLPAVI
TTCLALGTRRMAKKNAIVRSLPSVETLGCTSVICSDKTGTLTTNQMSVCKMFIIDKVDGDFCSLNEFSITGSTYAPEGEV
LKNDKPIRSGQFDGLVELATICALCNDSSLDFNETKGVYEKVGEATETALTTLVEKMNVFNTEVRNLSKVERANACNSVI
RQLMKKEFTLEFSRDRKSMSVYCSPAKSSRAAVGNKMFVKGAPEGVIDRCNYVRVGTTRVPMTGPVKEKILSVIKEWGTG
RDTLRCLALATRDTPPKREEMVLDDSSRFMEYETDLTFVGVVGMLDPPRKEVMGSIQLCRDAGIRVIMITGDNKGTAIAI
CRRIGIFGENEEVADRAYTGREFDDLPLAEQREACRRACCFARVEPSHKSKIVEYLQSYDEITAMTGDGVNDAPALKKAE
IGIAMGSGTAVAKTASEMVLADDNFSTIVAAVEEGRAIYNNMKQFIRYLISSNVGEVVCIFLTAALGLPEALIPVQLLWV
NLVTDGLPATALGFNPPDLDIMDRPPRSPKEPLISGWLFFRYMAIGGYVGAATVGAAAWWFMYAEDGPGVTYHQLTHFMQ
CTEDHPHFEGLDCEIFEAPEPMTMALSVLVTIEMCNALNSLSENQSLMRMPPWVNIWLLGSICLSMSLHFLILYVDPLPM
IFKLKALDLTQWLMVLKISLPVIGLDEILKFIARNYLEG
;
_entity_poly.pdbx_strand_id   A
#
loop_
_chem_comp.id
_chem_comp.type
_chem_comp.name
_chem_comp.formula
ACE non-polymer 'ACETYL GROUP' 'C2 H4 O'
BEF non-polymer 'BERYLLIUM TRIFLUORIDE ION' 'Be F3 -1'
MG non-polymer 'MAGNESIUM ION' 'Mg 2'
TG1 non-polymer 'OCTANOIC ACID [3S-[3ALPHA, 3ABETA, 4ALPHA, 6BETA, 6ABETA, 7BETA, 8ALPHA(Z), 9BALPHA]]-6-(ACETYLOXY)-2,3,-3A,4,5,6,6A,7,8,9B-DECAHYDRO-3,3A-DIHYDROXY-3,6,9-TRIMETHYL-8-[(2-METHYL-1-OXO-2-BUTENYL)OX Y]-2-OXO-4-(1-OXOBUTOXY)-AZULENO[4,5-B]FURAN-7-YL ESTER' 'C34 H50 O12'
#
# COMPACT_ATOMS: atom_id res chain seq x y z
C ACE A 1 -28.80 18.26 -12.38
O ACE A 1 -29.75 17.71 -12.96
CH3 ACE A 1 -28.69 18.23 -10.87
N MET A 2 -27.82 18.88 -13.03
CA MET A 2 -27.85 18.94 -14.47
C MET A 2 -26.60 18.31 -15.09
N GLU A 3 -26.57 16.98 -15.14
CA GLU A 3 -25.42 16.32 -15.78
C GLU A 3 -25.54 16.68 -17.25
N ALA A 4 -24.43 16.61 -17.96
CA ALA A 4 -24.42 16.96 -19.38
C ALA A 4 -24.39 18.47 -19.56
N ALA A 5 -24.23 19.20 -18.46
CA ALA A 5 -24.18 20.66 -18.50
C ALA A 5 -23.05 21.15 -19.40
N HIS A 6 -21.97 20.36 -19.52
CA HIS A 6 -20.83 20.74 -20.35
C HIS A 6 -21.17 20.83 -21.82
N SER A 7 -22.15 20.05 -22.26
CA SER A 7 -22.56 20.04 -23.66
C SER A 7 -23.53 21.16 -23.96
N LYS A 8 -24.17 21.67 -22.92
CA LYS A 8 -25.12 22.76 -23.06
C LYS A 8 -24.45 24.11 -22.89
N SER A 9 -25.04 25.16 -23.46
CA SER A 9 -24.48 26.50 -23.37
C SER A 9 -24.75 27.11 -21.99
N THR A 10 -24.19 28.29 -21.74
CA THR A 10 -24.40 28.97 -20.47
C THR A 10 -25.88 29.32 -20.27
N GLU A 11 -26.52 29.90 -21.28
CA GLU A 11 -27.93 30.28 -21.15
C GLU A 11 -28.79 29.04 -20.85
N GLU A 12 -28.47 27.92 -21.49
CA GLU A 12 -29.22 26.68 -21.29
C GLU A 12 -29.15 26.21 -19.86
N CYS A 13 -27.96 26.31 -19.26
CA CYS A 13 -27.76 25.89 -17.88
C CYS A 13 -28.52 26.83 -16.94
N LEU A 14 -28.51 28.12 -17.24
CA LEU A 14 -29.24 29.09 -16.43
C LEU A 14 -30.73 28.78 -16.54
N ALA A 15 -31.21 28.64 -17.77
CA ALA A 15 -32.63 28.35 -18.00
C ALA A 15 -33.03 27.06 -17.28
N TYR A 16 -32.23 26.02 -17.45
CA TYR A 16 -32.51 24.75 -16.82
C TYR A 16 -32.86 24.85 -15.34
N PHE A 17 -32.16 25.70 -14.59
CA PHE A 17 -32.46 25.87 -13.17
C PHE A 17 -33.29 27.12 -12.91
N GLY A 18 -33.60 27.86 -13.97
CA GLY A 18 -34.38 29.09 -13.81
C GLY A 18 -33.81 30.03 -12.76
N VAL A 19 -32.52 30.34 -12.88
CA VAL A 19 -31.86 31.22 -11.92
C VAL A 19 -31.21 32.40 -12.62
N SER A 20 -31.19 33.54 -11.94
CA SER A 20 -30.58 34.75 -12.48
C SER A 20 -29.07 34.72 -12.22
N GLU A 21 -28.28 34.97 -13.26
CA GLU A 21 -26.84 34.97 -13.11
C GLU A 21 -26.35 36.13 -12.27
N THR A 22 -27.13 37.21 -12.24
CA THR A 22 -26.72 38.39 -11.49
C THR A 22 -27.05 38.34 -10.00
N THR A 23 -28.12 37.66 -9.60
CA THR A 23 -28.50 37.62 -8.19
C THR A 23 -28.32 36.27 -7.51
N GLY A 24 -28.45 35.21 -8.28
CA GLY A 24 -28.33 33.88 -7.70
C GLY A 24 -29.70 33.40 -7.27
N LEU A 25 -29.76 32.17 -6.75
CA LEU A 25 -31.02 31.58 -6.31
C LEU A 25 -31.63 32.38 -5.17
N THR A 26 -32.96 32.37 -5.09
CA THR A 26 -33.68 33.06 -4.03
C THR A 26 -33.74 32.08 -2.86
N PRO A 27 -33.84 32.58 -1.62
CA PRO A 27 -33.90 31.66 -0.48
C PRO A 27 -35.01 30.63 -0.56
N ASP A 28 -35.92 30.80 -1.53
CA ASP A 28 -37.02 29.87 -1.70
C ASP A 28 -36.57 28.72 -2.59
N GLN A 29 -35.82 29.05 -3.63
CA GLN A 29 -35.30 28.04 -4.53
C GLN A 29 -34.30 27.16 -3.80
N VAL A 30 -33.45 27.75 -2.96
CA VAL A 30 -32.47 26.98 -2.20
C VAL A 30 -33.18 25.89 -1.40
N LYS A 31 -34.17 26.30 -0.60
CA LYS A 31 -34.93 25.37 0.22
C LYS A 31 -35.49 24.23 -0.63
N ARG A 32 -36.00 24.57 -1.81
CA ARG A 32 -36.55 23.56 -2.69
C ARG A 32 -35.47 22.67 -3.29
N HIS A 33 -34.38 23.27 -3.77
CA HIS A 33 -33.30 22.49 -4.37
C HIS A 33 -32.63 21.58 -3.34
N LEU A 34 -32.53 22.03 -2.08
CA LEU A 34 -31.94 21.20 -1.03
C LEU A 34 -32.82 19.96 -0.86
N GLU A 35 -34.13 20.18 -0.94
CA GLU A 35 -35.13 19.14 -0.79
C GLU A 35 -35.07 18.12 -1.92
N LYS A 36 -34.92 18.63 -3.14
CA LYS A 36 -34.86 17.79 -4.34
C LYS A 36 -33.50 17.18 -4.62
N TYR A 37 -32.43 17.77 -4.09
CA TYR A 37 -31.08 17.25 -4.35
C TYR A 37 -30.28 16.85 -3.12
N GLY A 38 -30.79 17.21 -1.94
CA GLY A 38 -30.08 16.88 -0.72
C GLY A 38 -28.83 17.74 -0.63
N HIS A 39 -28.13 17.65 0.49
CA HIS A 39 -26.92 18.42 0.71
C HIS A 39 -25.76 18.01 -0.21
N ASN A 40 -24.75 18.86 -0.31
CA ASN A 40 -23.57 18.60 -1.14
C ASN A 40 -22.49 17.90 -0.31
N GLU A 41 -22.74 16.64 -0.01
CA GLU A 41 -21.84 15.81 0.80
C GLU A 41 -22.00 14.34 0.44
N LEU A 42 -21.11 13.50 0.96
CA LEU A 42 -21.16 12.07 0.70
C LEU A 42 -21.67 11.35 1.95
N PRO A 43 -22.40 10.23 1.77
CA PRO A 43 -22.94 9.46 2.89
C PRO A 43 -21.86 8.90 3.81
N ALA A 44 -22.17 8.79 5.10
CA ALA A 44 -21.22 8.28 6.10
C ALA A 44 -21.00 6.79 5.91
N GLU A 45 -19.73 6.40 5.71
CA GLU A 45 -19.38 5.01 5.51
C GLU A 45 -19.04 4.34 6.85
N GLU A 46 -20.08 3.91 7.55
CA GLU A 46 -19.92 3.27 8.86
C GLU A 46 -20.31 1.80 8.77
N GLY A 47 -19.32 0.91 8.89
CA GLY A 47 -19.63 -0.53 8.78
C GLY A 47 -18.85 -1.35 9.84
N LYS A 48 -19.49 -2.49 10.25
CA LYS A 48 -18.91 -3.45 11.21
C LYS A 48 -18.71 -2.83 12.60
N SER A 49 -19.59 -2.91 13.55
CA SER A 49 -19.21 -2.23 14.81
C SER A 49 -18.25 -3.15 15.60
N LEU A 50 -18.28 -3.00 16.90
CA LEU A 50 -17.39 -3.78 17.81
C LEU A 50 -17.92 -5.20 17.99
N TRP A 51 -19.17 -5.35 18.36
CA TRP A 51 -19.77 -6.67 18.60
C TRP A 51 -19.92 -7.44 17.29
N GLU A 52 -19.96 -6.72 16.18
CA GLU A 52 -20.09 -7.33 14.87
C GLU A 52 -18.79 -8.07 14.55
N LEU A 53 -17.69 -7.59 15.11
CA LEU A 53 -16.38 -8.20 14.89
C LEU A 53 -16.22 -9.44 15.74
N VAL A 54 -16.72 -9.38 16.98
CA VAL A 54 -16.64 -10.52 17.88
C VAL A 54 -17.39 -11.69 17.26
N ILE A 55 -18.48 -11.40 16.58
CA ILE A 55 -19.26 -12.43 15.92
C ILE A 55 -18.40 -13.18 14.92
N GLU A 56 -17.92 -12.47 13.91
CA GLU A 56 -17.08 -13.05 12.88
C GLU A 56 -15.80 -13.70 13.43
N GLN A 57 -15.48 -13.42 14.69
CA GLN A 57 -14.30 -14.00 15.31
C GLN A 57 -14.59 -15.46 15.64
N PHE A 58 -15.85 -15.75 15.93
CA PHE A 58 -16.27 -17.11 16.27
C PHE A 58 -16.97 -17.80 15.12
N GLU A 59 -16.61 -17.44 13.89
CA GLU A 59 -17.23 -18.07 12.73
C GLU A 59 -16.28 -19.00 12.00
N ASP A 60 -15.00 -18.95 12.36
CA ASP A 60 -13.99 -19.82 11.74
C ASP A 60 -14.40 -21.27 11.95
N LEU A 61 -14.35 -22.05 10.88
CA LEU A 61 -14.73 -23.46 10.93
C LEU A 61 -14.01 -24.24 12.03
N LEU A 62 -12.72 -23.96 12.20
CA LEU A 62 -11.94 -24.65 13.22
C LEU A 62 -12.25 -24.19 14.64
N VAL A 63 -12.63 -22.92 14.78
CA VAL A 63 -12.94 -22.38 16.10
C VAL A 63 -14.22 -23.03 16.65
N ARG A 64 -15.27 -23.05 15.84
CA ARG A 64 -16.52 -23.66 16.27
C ARG A 64 -16.30 -25.11 16.67
N ILE A 65 -15.50 -25.83 15.89
CA ILE A 65 -15.20 -27.22 16.20
C ILE A 65 -14.47 -27.29 17.54
N LEU A 66 -13.51 -26.39 17.73
CA LEU A 66 -12.74 -26.34 18.97
C LEU A 66 -13.63 -25.91 20.14
N LEU A 67 -14.61 -25.07 19.83
CA LEU A 67 -15.53 -24.57 20.85
C LEU A 67 -16.51 -25.68 21.21
N LEU A 68 -17.10 -26.31 20.19
CA LEU A 68 -18.05 -27.39 20.42
C LEU A 68 -17.33 -28.49 21.19
N ALA A 69 -16.01 -28.47 21.11
CA ALA A 69 -15.17 -29.45 21.78
C ALA A 69 -15.03 -29.10 23.26
N ALA A 70 -15.18 -27.82 23.58
CA ALA A 70 -15.09 -27.36 24.96
C ALA A 70 -16.41 -27.70 25.66
N CYS A 71 -17.51 -27.53 24.95
CA CYS A 71 -18.84 -27.81 25.48
C CYS A 71 -18.91 -29.28 25.86
N ILE A 72 -18.37 -30.15 25.00
CA ILE A 72 -18.37 -31.58 25.26
C ILE A 72 -17.43 -31.90 26.42
N SER A 73 -16.38 -31.10 26.55
CA SER A 73 -15.40 -31.28 27.61
C SER A 73 -15.99 -30.85 28.95
N PHE A 74 -16.94 -29.92 28.91
CA PHE A 74 -17.60 -29.42 30.11
C PHE A 74 -18.50 -30.49 30.70
N VAL A 75 -19.27 -31.17 29.85
CA VAL A 75 -20.16 -32.22 30.30
C VAL A 75 -19.32 -33.32 30.95
N LEU A 76 -18.12 -33.54 30.42
CA LEU A 76 -17.21 -34.56 30.94
C LEU A 76 -16.63 -34.17 32.30
N ALA A 77 -16.22 -32.90 32.42
CA ALA A 77 -15.65 -32.43 33.68
C ALA A 77 -16.71 -32.51 34.76
N TRP A 78 -17.97 -32.39 34.35
CA TRP A 78 -19.09 -32.45 35.28
C TRP A 78 -19.28 -33.91 35.68
N PHE A 79 -19.31 -34.79 34.69
CA PHE A 79 -19.48 -36.23 34.92
C PHE A 79 -18.20 -36.83 35.48
N GLU A 80 -17.28 -35.97 35.93
CA GLU A 80 -16.01 -36.43 36.49
C GLU A 80 -16.19 -36.87 37.94
N GLU A 81 -16.16 -38.17 38.17
CA GLU A 81 -16.33 -38.75 39.49
C GLU A 81 -15.27 -38.28 40.48
N GLY A 82 -15.45 -38.65 41.75
CA GLY A 82 -14.51 -38.26 42.79
C GLY A 82 -13.16 -38.94 42.70
N GLU A 83 -12.71 -39.23 41.48
CA GLU A 83 -11.41 -39.88 41.28
C GLU A 83 -10.38 -38.83 40.90
N GLU A 84 -10.83 -37.86 40.10
CA GLU A 84 -9.97 -36.77 39.63
C GLU A 84 -10.79 -35.50 39.51
N THR A 85 -11.71 -35.28 40.44
CA THR A 85 -12.57 -34.10 40.42
C THR A 85 -11.90 -32.91 41.11
N ILE A 86 -10.58 -32.99 41.28
CA ILE A 86 -9.82 -31.93 41.93
C ILE A 86 -9.46 -30.82 40.92
N THR A 87 -9.26 -31.21 39.66
CA THR A 87 -8.94 -30.27 38.60
C THR A 87 -9.53 -30.77 37.29
N ALA A 88 -10.81 -31.10 37.32
CA ALA A 88 -11.52 -31.61 36.15
C ALA A 88 -11.88 -30.51 35.16
N PHE A 89 -12.55 -29.48 35.66
CA PHE A 89 -12.97 -28.38 34.80
C PHE A 89 -11.80 -27.56 34.25
N VAL A 90 -10.59 -28.03 34.49
CA VAL A 90 -9.41 -27.35 34.00
C VAL A 90 -9.35 -27.38 32.47
N GLU A 91 -9.69 -28.54 31.91
CA GLU A 91 -9.66 -28.74 30.47
C GLU A 91 -10.61 -27.81 29.71
N PRO A 92 -11.90 -27.79 30.06
CA PRO A 92 -12.86 -26.93 29.38
C PRO A 92 -12.50 -25.45 29.47
N PHE A 93 -11.83 -25.07 30.56
CA PHE A 93 -11.42 -23.69 30.78
C PHE A 93 -10.40 -23.25 29.73
N VAL A 94 -9.21 -23.84 29.77
CA VAL A 94 -8.16 -23.49 28.84
C VAL A 94 -8.64 -23.51 27.39
N ILE A 95 -9.43 -24.52 27.02
CA ILE A 95 -9.95 -24.63 25.67
C ILE A 95 -10.78 -23.39 25.32
N LEU A 96 -11.47 -22.85 26.31
CA LEU A 96 -12.29 -21.67 26.11
C LEU A 96 -11.44 -20.41 26.27
N LEU A 97 -10.49 -20.47 27.18
CA LEU A 97 -9.59 -19.35 27.44
C LEU A 97 -8.85 -18.94 26.16
N ILE A 98 -8.28 -19.94 25.49
CA ILE A 98 -7.54 -19.70 24.25
C ILE A 98 -8.45 -19.06 23.20
N LEU A 99 -9.63 -19.64 23.00
CA LEU A 99 -10.58 -19.12 22.03
C LEU A 99 -10.93 -17.67 22.31
N ILE A 100 -10.89 -17.28 23.58
CA ILE A 100 -11.21 -15.91 23.95
C ILE A 100 -9.97 -15.04 23.81
N ALA A 101 -8.81 -15.62 24.07
CA ALA A 101 -7.55 -14.89 23.98
C ALA A 101 -7.34 -14.39 22.55
N ASN A 102 -7.22 -15.32 21.61
CA ASN A 102 -7.02 -14.97 20.22
C ASN A 102 -8.19 -14.12 19.71
N ALA A 103 -9.36 -14.34 20.30
CA ALA A 103 -10.55 -13.60 19.91
C ALA A 103 -10.39 -12.11 20.16
N ILE A 104 -10.23 -11.74 21.44
CA ILE A 104 -10.07 -10.34 21.79
C ILE A 104 -8.91 -9.72 21.02
N VAL A 105 -7.97 -10.56 20.59
CA VAL A 105 -6.82 -10.09 19.81
C VAL A 105 -7.31 -9.61 18.45
N GLY A 106 -8.16 -10.41 17.82
CA GLY A 106 -8.70 -10.07 16.51
C GLY A 106 -9.53 -8.80 16.55
N VAL A 107 -10.29 -8.62 17.61
CA VAL A 107 -11.12 -7.44 17.77
C VAL A 107 -10.22 -6.21 17.90
N TRP A 108 -9.24 -6.30 18.79
CA TRP A 108 -8.29 -5.20 19.01
C TRP A 108 -7.53 -4.90 17.72
N GLN A 109 -7.35 -5.93 16.91
CA GLN A 109 -6.62 -5.81 15.65
C GLN A 109 -7.46 -5.20 14.53
N GLU A 110 -8.67 -5.73 14.35
CA GLU A 110 -9.57 -5.25 13.31
C GLU A 110 -10.11 -3.84 13.59
N ARG A 111 -10.38 -3.55 14.86
CA ARG A 111 -10.90 -2.25 15.24
C ARG A 111 -9.99 -1.12 14.74
N ASN A 112 -8.68 -1.35 14.75
CA ASN A 112 -7.74 -0.35 14.28
C ASN A 112 -8.01 -0.06 12.82
N ALA A 113 -8.68 1.07 12.56
CA ALA A 113 -8.99 1.44 11.19
C ALA A 113 -9.35 2.92 11.06
N GLU A 114 -9.32 3.41 9.82
CA GLU A 114 -9.64 4.79 9.53
C GLU A 114 -10.67 4.79 8.40
N ASN A 115 -11.78 5.48 8.62
CA ASN A 115 -12.86 5.54 7.63
C ASN A 115 -12.41 6.22 6.33
N ALA A 116 -13.16 5.99 5.25
CA ALA A 116 -12.86 6.56 3.95
C ALA A 116 -13.58 7.88 3.68
N ILE A 117 -14.87 7.93 4.02
CA ILE A 117 -15.67 9.13 3.83
C ILE A 117 -15.51 10.12 4.98
N GLU A 118 -15.33 9.59 6.19
CA GLU A 118 -15.14 10.44 7.37
C GLU A 118 -13.74 11.04 7.35
N ALA A 119 -12.88 10.50 6.50
CA ALA A 119 -11.52 10.98 6.36
C ALA A 119 -11.41 11.75 5.05
N LEU A 120 -12.37 11.53 4.16
CA LEU A 120 -12.40 12.20 2.86
C LEU A 120 -12.71 13.69 3.03
N LYS A 121 -13.16 14.08 4.22
CA LYS A 121 -13.48 15.48 4.50
C LYS A 121 -12.21 16.31 4.59
N GLU A 122 -11.07 15.68 4.34
CA GLU A 122 -9.78 16.37 4.37
C GLU A 122 -9.47 16.78 2.93
N TYR A 123 -10.46 16.60 2.07
CA TYR A 123 -10.34 16.93 0.65
C TYR A 123 -11.58 17.72 0.20
N GLU A 124 -12.73 17.41 0.79
CA GLU A 124 -13.98 18.10 0.48
C GLU A 124 -13.89 19.48 1.11
N PRO A 125 -13.88 20.55 0.28
CA PRO A 125 -13.79 21.91 0.83
C PRO A 125 -14.76 22.19 1.97
N GLU A 126 -14.28 22.99 2.91
CA GLU A 126 -15.09 23.36 4.06
C GLU A 126 -16.13 24.37 3.58
N MET A 127 -15.65 25.49 3.07
CA MET A 127 -16.51 26.57 2.60
C MET A 127 -16.63 26.76 1.09
N GLY A 128 -17.66 27.50 0.69
CA GLY A 128 -17.90 27.81 -0.70
C GLY A 128 -18.40 29.25 -0.81
N LYS A 129 -18.28 29.84 -1.99
CA LYS A 129 -18.73 31.22 -2.20
C LYS A 129 -19.84 31.31 -3.24
N VAL A 130 -21.01 31.74 -2.78
CA VAL A 130 -22.15 31.85 -3.67
C VAL A 130 -22.83 33.21 -3.62
N TYR A 131 -23.53 33.52 -4.69
CA TYR A 131 -24.32 34.74 -4.77
C TYR A 131 -25.75 34.22 -4.70
N ARG A 132 -26.52 34.74 -3.77
CA ARG A 132 -27.92 34.36 -3.63
C ARG A 132 -28.75 35.64 -3.46
N ALA A 133 -29.96 35.64 -4.02
CA ALA A 133 -30.87 36.79 -3.98
C ALA A 133 -30.97 37.43 -2.59
N ASP A 134 -30.57 36.66 -1.59
CA ASP A 134 -30.56 37.07 -0.20
C ASP A 134 -29.91 38.44 -0.08
N ARG A 135 -28.72 38.57 -0.67
CA ARG A 135 -27.97 39.82 -0.61
C ARG A 135 -27.09 40.02 -1.85
N LYS A 136 -26.63 41.25 -2.03
CA LYS A 136 -25.82 41.62 -3.18
C LYS A 136 -24.38 41.12 -3.13
N SER A 137 -23.79 41.10 -1.94
CA SER A 137 -22.42 40.64 -1.80
C SER A 137 -22.33 39.11 -1.78
N VAL A 138 -21.18 38.59 -2.18
CA VAL A 138 -20.96 37.17 -2.20
C VAL A 138 -21.06 36.65 -0.76
N GLN A 139 -21.53 35.41 -0.61
CA GLN A 139 -21.69 34.82 0.71
C GLN A 139 -20.79 33.62 0.87
N ARG A 140 -20.18 33.50 2.04
CA ARG A 140 -19.29 32.39 2.35
C ARG A 140 -20.10 31.45 3.23
N ILE A 141 -20.51 30.31 2.67
CA ILE A 141 -21.28 29.33 3.42
C ILE A 141 -20.59 27.97 3.48
N LYS A 142 -21.22 27.04 4.19
CA LYS A 142 -20.69 25.69 4.30
C LYS A 142 -20.81 25.08 2.90
N ALA A 143 -19.76 24.39 2.43
CA ALA A 143 -19.81 23.79 1.11
C ALA A 143 -20.95 22.78 1.03
N ARG A 144 -21.32 22.20 2.18
CA ARG A 144 -22.39 21.22 2.20
C ARG A 144 -23.75 21.82 1.91
N ASP A 145 -23.87 23.13 2.11
CA ASP A 145 -25.14 23.83 1.88
C ASP A 145 -25.32 24.28 0.43
N ILE A 146 -24.35 23.98 -0.43
CA ILE A 146 -24.45 24.37 -1.83
C ILE A 146 -25.36 23.41 -2.58
N VAL A 147 -26.19 23.94 -3.46
CA VAL A 147 -27.10 23.10 -4.22
C VAL A 147 -26.94 23.35 -5.71
N PRO A 148 -27.43 22.40 -6.53
CA PRO A 148 -27.34 22.56 -7.98
C PRO A 148 -28.07 23.86 -8.33
N GLY A 149 -27.61 24.60 -9.34
CA GLY A 149 -28.26 25.84 -9.68
C GLY A 149 -27.66 27.06 -8.99
N ASP A 150 -26.96 26.84 -7.88
CA ASP A 150 -26.31 27.94 -7.15
C ASP A 150 -25.32 28.66 -8.05
N ILE A 151 -25.18 29.98 -7.87
CA ILE A 151 -24.21 30.76 -8.62
C ILE A 151 -22.99 30.81 -7.70
N VAL A 152 -21.88 30.27 -8.18
CA VAL A 152 -20.67 30.21 -7.39
C VAL A 152 -19.52 31.02 -7.95
N GLU A 153 -18.70 31.53 -7.05
CA GLU A 153 -17.53 32.31 -7.43
C GLU A 153 -16.27 31.61 -6.93
N VAL A 154 -15.27 31.52 -7.81
CA VAL A 154 -14.01 30.90 -7.42
C VAL A 154 -12.88 31.81 -7.88
N ALA A 155 -11.78 31.77 -7.12
CA ALA A 155 -10.61 32.57 -7.42
C ALA A 155 -9.34 31.82 -7.00
N VAL A 156 -8.19 32.31 -7.49
CA VAL A 156 -6.91 31.69 -7.22
C VAL A 156 -6.79 31.18 -5.80
N GLY A 157 -6.39 29.92 -5.67
CA GLY A 157 -6.23 29.33 -4.35
C GLY A 157 -7.47 28.64 -3.81
N ASP A 158 -8.64 28.92 -4.38
CA ASP A 158 -9.88 28.30 -3.92
C ASP A 158 -9.97 26.82 -4.28
N LYS A 159 -10.60 26.04 -3.41
CA LYS A 159 -10.83 24.63 -3.69
C LYS A 159 -12.25 24.62 -4.25
N VAL A 160 -12.43 24.11 -5.46
CA VAL A 160 -13.75 24.06 -6.09
C VAL A 160 -14.68 23.25 -5.20
N PRO A 161 -15.76 23.87 -4.70
CA PRO A 161 -16.76 23.27 -3.81
C PRO A 161 -17.77 22.28 -4.38
N ALA A 162 -17.95 22.27 -5.69
CA ALA A 162 -18.90 21.35 -6.30
C ALA A 162 -18.63 21.31 -7.79
N ASP A 163 -19.30 20.41 -8.51
CA ASP A 163 -19.11 20.35 -9.95
C ASP A 163 -19.83 21.53 -10.55
N ILE A 164 -19.07 22.39 -11.22
CA ILE A 164 -19.63 23.62 -11.76
C ILE A 164 -19.43 23.90 -13.23
N ARG A 165 -20.46 24.48 -13.84
CA ARG A 165 -20.44 24.86 -15.25
C ARG A 165 -19.99 26.33 -15.27
N ILE A 166 -18.82 26.60 -15.85
CA ILE A 166 -18.30 27.97 -15.90
C ILE A 166 -19.24 28.85 -16.70
N LEU A 167 -19.55 30.03 -16.15
CA LEU A 167 -20.46 30.98 -16.79
C LEU A 167 -19.71 32.16 -17.37
N SER A 168 -18.82 32.74 -16.57
CA SER A 168 -18.07 33.91 -17.01
C SER A 168 -16.68 33.96 -16.38
N ILE A 169 -15.66 34.16 -17.19
CA ILE A 169 -14.30 34.24 -16.67
C ILE A 169 -13.96 35.71 -16.47
N LYS A 170 -13.65 36.09 -15.23
CA LYS A 170 -13.34 37.49 -14.91
C LYS A 170 -11.91 37.89 -15.26
N SER A 171 -10.95 37.02 -14.99
CA SER A 171 -9.56 37.31 -15.32
C SER A 171 -9.37 37.13 -16.83
N THR A 172 -8.14 37.28 -17.31
CA THR A 172 -7.88 37.13 -18.74
C THR A 172 -7.95 35.65 -19.12
N THR A 173 -7.62 34.79 -18.17
CA THR A 173 -7.68 33.33 -18.37
C THR A 173 -7.93 32.66 -17.01
N LEU A 174 -8.43 31.43 -17.04
CA LEU A 174 -8.68 30.66 -15.82
C LEU A 174 -7.88 29.37 -15.97
N ARG A 175 -6.99 29.11 -15.01
CA ARG A 175 -6.19 27.91 -15.06
C ARG A 175 -6.55 27.09 -13.84
N VAL A 176 -6.74 25.79 -14.06
CA VAL A 176 -7.13 24.90 -12.97
C VAL A 176 -6.25 23.65 -12.85
N ASP A 177 -5.84 23.38 -11.62
CA ASP A 177 -5.01 22.21 -11.31
C ASP A 177 -5.97 21.05 -11.02
N GLN A 178 -6.03 20.09 -11.94
CA GLN A 178 -6.91 18.92 -11.81
C GLN A 178 -6.17 17.61 -11.55
N SER A 179 -4.89 17.71 -11.18
CA SER A 179 -4.06 16.54 -10.94
C SER A 179 -4.60 15.52 -9.93
N ILE A 180 -5.22 16.00 -8.87
CA ILE A 180 -5.77 15.12 -7.85
C ILE A 180 -6.94 14.29 -8.38
N LEU A 181 -7.49 14.71 -9.53
CA LEU A 181 -8.63 14.01 -10.11
C LEU A 181 -8.41 13.38 -11.47
N THR A 182 -7.67 14.07 -12.34
CA THR A 182 -7.45 13.55 -13.68
C THR A 182 -6.00 13.16 -13.94
N GLY A 183 -5.13 13.48 -12.99
CA GLY A 183 -3.72 13.18 -13.15
C GLY A 183 -3.00 14.14 -14.08
N GLU A 184 -3.69 15.15 -14.62
CA GLU A 184 -3.01 16.11 -15.51
C GLU A 184 -1.90 16.85 -14.76
N SER A 185 -0.71 16.86 -15.34
CA SER A 185 0.46 17.47 -14.71
C SER A 185 0.61 18.99 -14.88
N VAL A 186 -0.15 19.57 -15.81
CA VAL A 186 -0.12 21.01 -16.07
C VAL A 186 -1.53 21.60 -15.88
N SER A 187 -1.64 22.71 -15.17
CA SER A 187 -2.94 23.33 -14.96
C SER A 187 -3.66 23.50 -16.29
N VAL A 188 -4.99 23.42 -16.24
CA VAL A 188 -5.82 23.50 -17.44
C VAL A 188 -6.42 24.87 -17.72
N ILE A 189 -6.24 25.36 -18.93
CA ILE A 189 -6.82 26.65 -19.30
C ILE A 189 -8.29 26.36 -19.62
N LYS A 190 -9.20 27.06 -18.95
CA LYS A 190 -10.62 26.82 -19.16
C LYS A 190 -11.30 27.83 -20.09
N HIS A 191 -12.52 27.51 -20.52
CA HIS A 191 -13.29 28.39 -21.38
C HIS A 191 -14.77 28.27 -21.01
N THR A 192 -15.65 28.96 -21.72
CA THR A 192 -17.08 28.91 -21.39
C THR A 192 -17.98 28.33 -22.48
N GLU A 193 -17.44 28.11 -23.66
CA GLU A 193 -18.22 27.56 -24.77
C GLU A 193 -18.64 26.12 -24.46
N PRO A 194 -19.68 25.63 -25.13
CA PRO A 194 -20.11 24.25 -24.86
C PRO A 194 -19.15 23.23 -25.46
N VAL A 195 -19.04 22.07 -24.81
CA VAL A 195 -18.20 20.97 -25.29
C VAL A 195 -19.22 19.96 -25.80
N PRO A 196 -19.54 20.01 -27.11
CA PRO A 196 -20.50 19.15 -27.81
C PRO A 196 -20.53 17.66 -27.46
N ASP A 197 -19.44 16.95 -27.73
CA ASP A 197 -19.39 15.52 -27.46
C ASP A 197 -19.90 15.17 -26.07
N PRO A 198 -21.16 14.71 -25.98
CA PRO A 198 -21.71 14.34 -24.66
C PRO A 198 -20.88 13.28 -23.96
N ARG A 199 -19.99 12.63 -24.72
CA ARG A 199 -19.12 11.59 -24.18
C ARG A 199 -17.75 12.13 -23.76
N ALA A 200 -17.60 13.44 -23.75
CA ALA A 200 -16.34 14.06 -23.38
C ALA A 200 -15.89 13.66 -21.97
N VAL A 201 -14.66 13.17 -21.84
CA VAL A 201 -14.13 12.79 -20.53
C VAL A 201 -13.74 14.05 -19.76
N ASN A 202 -13.46 13.90 -18.47
CA ASN A 202 -13.11 15.04 -17.64
C ASN A 202 -12.02 15.93 -18.25
N GLN A 203 -10.99 15.32 -18.86
CA GLN A 203 -9.91 16.07 -19.48
C GLN A 203 -10.40 16.90 -20.67
N ASP A 204 -11.62 16.62 -21.14
CA ASP A 204 -12.18 17.33 -22.27
C ASP A 204 -13.21 18.38 -21.87
N LYS A 205 -13.71 18.29 -20.63
CA LYS A 205 -14.70 19.24 -20.14
C LYS A 205 -14.01 20.53 -19.72
N LYS A 206 -13.56 21.28 -20.72
CA LYS A 206 -12.85 22.51 -20.46
C LYS A 206 -13.69 23.71 -20.07
N ASN A 207 -14.99 23.49 -19.85
CA ASN A 207 -15.90 24.57 -19.46
C ASN A 207 -16.53 24.21 -18.13
N MET A 208 -15.94 23.24 -17.49
CA MET A 208 -16.40 22.71 -16.20
C MET A 208 -15.29 22.84 -15.14
N LEU A 209 -15.72 22.98 -13.91
CA LEU A 209 -14.83 23.04 -12.74
C LEU A 209 -15.29 21.86 -11.89
N PHE A 210 -14.37 21.05 -11.44
CA PHE A 210 -14.73 19.85 -10.64
C PHE A 210 -14.39 20.04 -9.16
N SER A 211 -15.37 19.64 -8.34
CA SER A 211 -15.21 19.70 -6.90
C SER A 211 -13.93 18.97 -6.50
N GLY A 212 -13.18 19.57 -5.58
CA GLY A 212 -11.95 18.95 -5.12
C GLY A 212 -10.69 19.52 -5.76
N THR A 213 -10.81 20.03 -6.98
CA THR A 213 -9.67 20.60 -7.67
C THR A 213 -9.46 22.02 -7.12
N ASN A 214 -8.39 22.69 -7.52
CA ASN A 214 -8.14 24.05 -7.01
C ASN A 214 -7.76 24.99 -8.14
N ILE A 215 -8.09 26.26 -7.96
CA ILE A 215 -7.82 27.29 -8.96
C ILE A 215 -6.33 27.69 -8.91
N ALA A 216 -5.64 27.50 -10.02
CA ALA A 216 -4.23 27.81 -10.15
C ALA A 216 -4.04 29.31 -10.40
N ALA A 217 -4.89 29.87 -11.25
CA ALA A 217 -4.84 31.29 -11.56
C ALA A 217 -6.18 31.80 -12.07
N GLY A 218 -6.46 33.08 -11.81
CA GLY A 218 -7.68 33.69 -12.30
C GLY A 218 -8.86 33.74 -11.36
N LYS A 219 -9.98 34.20 -11.92
CA LYS A 219 -11.22 34.34 -11.16
C LYS A 219 -12.39 34.05 -12.08
N ALA A 220 -13.38 33.34 -11.57
CA ALA A 220 -14.51 33.01 -12.42
C ALA A 220 -15.82 32.84 -11.67
N LEU A 221 -16.90 32.97 -12.42
CA LEU A 221 -18.24 32.80 -11.86
C LEU A 221 -18.89 31.62 -12.58
N GLY A 222 -19.65 30.80 -11.84
CA GLY A 222 -20.29 29.66 -12.46
C GLY A 222 -21.59 29.23 -11.82
N ILE A 223 -22.17 28.18 -12.39
CA ILE A 223 -23.43 27.63 -11.89
C ILE A 223 -23.20 26.15 -11.56
N VAL A 224 -23.60 25.75 -10.35
CA VAL A 224 -23.44 24.38 -9.91
C VAL A 224 -24.23 23.40 -10.77
N ALA A 225 -23.56 22.40 -11.30
CA ALA A 225 -24.22 21.40 -12.14
C ALA A 225 -24.69 20.21 -11.28
N THR A 226 -23.81 19.69 -10.43
CA THR A 226 -24.15 18.57 -9.56
C THR A 226 -23.44 18.67 -8.22
N THR A 227 -23.94 17.93 -7.23
CA THR A 227 -23.36 17.92 -5.88
C THR A 227 -23.48 16.52 -5.26
N GLY A 228 -22.93 16.34 -4.07
CA GLY A 228 -23.01 15.05 -3.41
C GLY A 228 -22.36 13.92 -4.19
N VAL A 229 -23.10 12.82 -4.37
CA VAL A 229 -22.58 11.66 -5.09
C VAL A 229 -22.64 11.80 -6.60
N SER A 230 -23.31 12.84 -7.11
CA SER A 230 -23.39 13.05 -8.56
C SER A 230 -22.18 13.77 -9.13
N THR A 231 -21.27 14.22 -8.28
CA THR A 231 -20.06 14.90 -8.75
C THR A 231 -19.03 13.87 -9.22
N GLU A 232 -18.07 14.31 -10.01
CA GLU A 232 -17.03 13.41 -10.52
C GLU A 232 -16.37 12.68 -9.37
N ILE A 233 -16.12 13.40 -8.28
CA ILE A 233 -15.48 12.81 -7.12
C ILE A 233 -16.51 11.93 -6.42
N GLY A 234 -17.78 12.24 -6.62
CA GLY A 234 -18.84 11.46 -6.02
C GLY A 234 -18.97 10.10 -6.71
N LYS A 235 -18.94 10.12 -8.04
CA LYS A 235 -19.04 8.90 -8.83
C LYS A 235 -17.90 7.94 -8.49
N ILE A 236 -16.71 8.48 -8.27
CA ILE A 236 -15.54 7.65 -7.96
C ILE A 236 -15.64 6.98 -6.59
N ARG A 237 -16.12 7.71 -5.58
CA ARG A 237 -16.25 7.15 -4.24
C ARG A 237 -17.18 5.95 -4.24
N ASP A 238 -18.33 6.09 -4.89
CA ASP A 238 -19.28 4.98 -4.98
C ASP A 238 -18.60 3.82 -5.71
N GLN A 239 -17.78 4.16 -6.71
CA GLN A 239 -17.06 3.17 -7.49
C GLN A 239 -16.17 2.38 -6.53
N MET A 240 -15.48 3.12 -5.66
CA MET A 240 -14.60 2.55 -4.66
C MET A 240 -15.36 1.65 -3.70
N ALA A 241 -16.53 2.11 -3.28
CA ALA A 241 -17.35 1.36 -2.34
C ALA A 241 -17.90 0.06 -2.92
N ALA A 242 -18.16 0.04 -4.22
CA ALA A 242 -18.73 -1.14 -4.88
C ALA A 242 -17.71 -2.22 -5.29
N THR A 243 -16.41 -1.92 -5.22
CA THR A 243 -15.40 -2.89 -5.60
C THR A 243 -15.19 -3.90 -4.48
N GLU A 244 -15.16 -5.17 -4.86
CA GLU A 244 -14.98 -6.24 -3.89
C GLU A 244 -13.53 -6.73 -3.82
N GLN A 245 -13.14 -7.16 -2.62
CA GLN A 245 -11.80 -7.66 -2.37
C GLN A 245 -11.87 -9.08 -1.80
N ASP A 246 -11.08 -9.98 -2.37
CA ASP A 246 -11.04 -11.36 -1.92
C ASP A 246 -10.11 -11.52 -0.72
N LYS A 247 -10.01 -12.74 -0.21
CA LYS A 247 -9.11 -12.99 0.90
C LYS A 247 -7.73 -13.23 0.34
N THR A 248 -6.72 -13.07 1.19
CA THR A 248 -5.34 -13.28 0.79
C THR A 248 -5.14 -14.71 0.34
N PRO A 249 -4.20 -14.95 -0.58
CA PRO A 249 -4.00 -16.34 -1.00
C PRO A 249 -3.67 -17.26 0.17
N LEU A 250 -2.86 -16.78 1.10
CA LEU A 250 -2.50 -17.57 2.28
C LEU A 250 -3.73 -17.85 3.12
N GLN A 251 -4.56 -16.82 3.31
CA GLN A 251 -5.78 -16.97 4.09
C GLN A 251 -6.74 -17.95 3.41
N GLN A 252 -6.66 -18.03 2.09
CA GLN A 252 -7.51 -18.95 1.34
C GLN A 252 -7.00 -20.37 1.52
N LYS A 253 -5.70 -20.50 1.75
CA LYS A 253 -5.08 -21.80 1.95
C LYS A 253 -5.37 -22.28 3.38
N LEU A 254 -5.40 -21.33 4.33
CA LEU A 254 -5.68 -21.66 5.71
C LEU A 254 -7.14 -22.05 5.86
N ASP A 255 -8.00 -21.47 5.01
CA ASP A 255 -9.42 -21.79 5.05
C ASP A 255 -9.65 -23.15 4.42
N GLU A 256 -8.98 -23.41 3.31
CA GLU A 256 -9.11 -24.69 2.62
C GLU A 256 -8.62 -25.78 3.59
N PHE A 257 -7.48 -25.51 4.22
CA PHE A 257 -6.91 -26.44 5.20
C PHE A 257 -7.98 -26.76 6.23
N GLY A 258 -8.62 -25.71 6.76
CA GLY A 258 -9.64 -25.88 7.75
C GLY A 258 -10.82 -26.73 7.31
N GLU A 259 -11.29 -26.51 6.08
CA GLU A 259 -12.40 -27.28 5.56
C GLU A 259 -11.99 -28.74 5.43
N GLN A 260 -10.79 -28.98 4.92
CA GLN A 260 -10.29 -30.33 4.76
C GLN A 260 -10.04 -31.01 6.11
N LEU A 261 -9.43 -30.30 7.04
CA LEU A 261 -9.15 -30.85 8.36
C LEU A 261 -10.45 -31.26 9.03
N SER A 262 -11.48 -30.44 8.82
CA SER A 262 -12.80 -30.69 9.38
C SER A 262 -13.34 -32.03 8.89
N LYS A 263 -13.16 -32.30 7.60
CA LYS A 263 -13.62 -33.56 7.00
C LYS A 263 -12.87 -34.75 7.57
N VAL A 264 -11.58 -34.57 7.83
CA VAL A 264 -10.74 -35.64 8.37
C VAL A 264 -11.10 -35.98 9.82
N ILE A 265 -11.38 -34.94 10.62
CA ILE A 265 -11.75 -35.14 12.02
C ILE A 265 -12.95 -36.08 12.11
N SER A 266 -14.12 -35.56 11.73
CA SER A 266 -15.35 -36.34 11.75
C SER A 266 -15.15 -37.71 11.10
N LEU A 267 -14.40 -37.73 9.99
CA LEU A 267 -14.15 -38.97 9.28
C LEU A 267 -13.49 -39.98 10.21
N ILE A 268 -12.51 -39.52 11.01
CA ILE A 268 -11.84 -40.40 11.95
C ILE A 268 -12.79 -40.69 13.11
N CYS A 269 -13.60 -39.71 13.48
CA CYS A 269 -14.57 -39.88 14.56
C CYS A 269 -15.51 -41.03 14.22
N VAL A 270 -15.92 -41.09 12.95
CA VAL A 270 -16.82 -42.15 12.48
C VAL A 270 -16.01 -43.44 12.30
N ALA A 271 -14.74 -43.28 11.94
CA ALA A 271 -13.86 -44.43 11.73
C ALA A 271 -13.70 -45.26 13.00
N VAL A 272 -13.41 -44.59 14.11
CA VAL A 272 -13.24 -45.28 15.38
C VAL A 272 -14.57 -45.92 15.77
N TRP A 273 -15.66 -45.21 15.49
CA TRP A 273 -17.00 -45.68 15.79
C TRP A 273 -17.25 -47.05 15.15
N LEU A 274 -16.77 -47.22 13.91
CA LEU A 274 -16.93 -48.46 13.19
C LEU A 274 -15.91 -49.51 13.67
N ILE A 275 -15.34 -49.26 14.84
CA ILE A 275 -14.36 -50.17 15.44
C ILE A 275 -14.80 -50.45 16.87
N ASN A 276 -15.91 -49.84 17.27
CA ASN A 276 -16.46 -50.02 18.61
C ASN A 276 -17.86 -50.60 18.50
N ILE A 277 -18.28 -50.90 17.27
CA ILE A 277 -19.59 -51.48 17.03
C ILE A 277 -19.63 -52.89 17.59
N GLY A 278 -18.45 -53.50 17.72
CA GLY A 278 -18.36 -54.84 18.26
C GLY A 278 -18.83 -54.92 19.70
N HIS A 279 -18.99 -53.77 20.34
CA HIS A 279 -19.44 -53.73 21.73
C HIS A 279 -20.84 -54.33 21.87
N PHE A 280 -21.59 -54.30 20.78
CA PHE A 280 -22.94 -54.85 20.78
C PHE A 280 -22.92 -56.36 20.59
N ASN A 281 -21.77 -56.97 20.85
CA ASN A 281 -21.60 -58.41 20.73
C ASN A 281 -21.30 -59.05 22.08
N ASP A 282 -20.39 -58.43 22.83
CA ASP A 282 -19.98 -58.92 24.14
C ASP A 282 -21.11 -58.85 25.17
N PRO A 283 -21.36 -59.96 25.87
CA PRO A 283 -22.42 -60.03 26.89
C PRO A 283 -22.03 -59.35 28.20
N VAL A 284 -22.32 -58.06 28.30
CA VAL A 284 -22.00 -57.29 29.50
C VAL A 284 -22.71 -55.93 29.51
N HIS A 285 -23.38 -55.62 30.61
CA HIS A 285 -24.10 -54.36 30.75
C HIS A 285 -23.56 -53.51 31.91
N GLY A 286 -22.62 -52.65 31.55
CA GLY A 286 -21.96 -51.85 32.59
C GLY A 286 -22.53 -50.41 32.59
N GLY A 287 -23.67 -50.26 31.96
CA GLY A 287 -24.34 -48.93 31.88
C GLY A 287 -24.93 -48.67 30.49
N SER A 288 -26.24 -48.88 30.40
CA SER A 288 -26.99 -48.67 29.15
C SER A 288 -26.90 -47.20 28.76
N TRP A 289 -27.89 -46.44 29.23
CA TRP A 289 -27.94 -44.99 28.97
C TRP A 289 -28.09 -44.22 30.27
N ILE A 290 -27.24 -44.55 31.22
CA ILE A 290 -27.25 -43.89 32.53
C ILE A 290 -25.85 -43.44 32.95
N ARG A 291 -24.82 -44.20 32.49
CA ARG A 291 -23.45 -43.85 32.91
C ARG A 291 -22.39 -44.26 31.84
N GLY A 292 -22.47 -45.50 31.40
CA GLY A 292 -21.50 -46.07 30.41
C GLY A 292 -21.70 -45.55 28.95
N ALA A 293 -20.83 -44.57 28.56
CA ALA A 293 -20.81 -43.95 27.19
C ALA A 293 -19.79 -42.79 27.10
N ILE A 294 -19.21 -42.52 28.23
CA ILE A 294 -18.24 -41.41 28.44
C ILE A 294 -16.96 -41.49 27.58
N TYR A 295 -16.52 -42.67 27.21
CA TYR A 295 -15.24 -42.80 26.46
C TYR A 295 -15.29 -42.28 24.97
N TYR A 296 -16.37 -42.39 24.25
CA TYR A 296 -16.36 -41.88 22.83
C TYR A 296 -15.86 -40.42 22.79
N PHE A 297 -16.61 -39.51 23.39
CA PHE A 297 -16.33 -38.09 23.37
C PHE A 297 -15.06 -37.70 24.10
N LYS A 298 -14.39 -38.68 24.70
CA LYS A 298 -13.15 -38.43 25.41
C LYS A 298 -12.00 -38.40 24.40
N ILE A 299 -12.21 -39.08 23.27
CA ILE A 299 -11.21 -39.15 22.21
C ILE A 299 -11.58 -38.19 21.10
N ALA A 300 -12.86 -37.85 21.00
CA ALA A 300 -13.34 -36.94 19.98
C ALA A 300 -12.77 -35.54 20.19
N VAL A 301 -12.67 -35.11 21.45
CA VAL A 301 -12.14 -33.79 21.75
C VAL A 301 -10.61 -33.81 21.73
N ALA A 302 -10.03 -34.97 22.01
CA ALA A 302 -8.59 -35.12 22.00
C ALA A 302 -8.10 -35.06 20.54
N LEU A 303 -8.95 -35.55 19.64
CA LEU A 303 -8.64 -35.55 18.20
C LEU A 303 -8.70 -34.13 17.64
N ALA A 304 -9.80 -33.44 17.90
CA ALA A 304 -9.98 -32.08 17.43
C ALA A 304 -8.91 -31.15 18.02
N VAL A 305 -8.41 -31.48 19.20
CA VAL A 305 -7.38 -30.65 19.84
C VAL A 305 -5.98 -30.99 19.30
N ALA A 306 -5.81 -32.24 18.90
CA ALA A 306 -4.52 -32.68 18.37
C ALA A 306 -4.36 -32.32 16.90
N ALA A 307 -5.48 -32.19 16.19
CA ALA A 307 -5.45 -31.86 14.77
C ALA A 307 -5.28 -30.37 14.49
N ILE A 308 -5.85 -29.56 15.36
CA ILE A 308 -5.83 -28.10 15.23
C ILE A 308 -4.60 -27.42 15.85
N PRO A 309 -3.87 -26.63 15.05
CA PRO A 309 -2.69 -25.93 15.56
C PRO A 309 -3.10 -24.69 16.35
N GLU A 310 -3.55 -24.91 17.59
CA GLU A 310 -4.01 -23.84 18.45
C GLU A 310 -3.09 -22.63 18.57
N GLY A 311 -1.80 -22.84 18.36
CA GLY A 311 -0.85 -21.73 18.48
C GLY A 311 -0.54 -20.97 17.21
N LEU A 312 -1.01 -21.49 16.07
CA LEU A 312 -0.75 -20.86 14.79
C LEU A 312 -1.23 -19.39 14.73
N PRO A 313 -2.47 -19.11 15.16
CA PRO A 313 -2.98 -17.74 15.13
C PRO A 313 -2.08 -16.76 15.88
N ALA A 314 -1.44 -17.25 16.95
CA ALA A 314 -0.57 -16.43 17.75
C ALA A 314 0.80 -16.23 17.12
N VAL A 315 1.35 -17.29 16.55
CA VAL A 315 2.66 -17.21 15.91
C VAL A 315 2.60 -16.31 14.69
N ILE A 316 1.57 -16.49 13.88
CA ILE A 316 1.38 -15.70 12.66
C ILE A 316 1.22 -14.21 12.96
N THR A 317 0.33 -13.88 13.89
CA THR A 317 0.10 -12.50 14.27
C THR A 317 1.38 -11.84 14.75
N THR A 318 2.13 -12.52 15.61
CA THR A 318 3.38 -11.98 16.12
C THR A 318 4.37 -11.74 14.99
N CYS A 319 4.39 -12.67 14.03
CA CYS A 319 5.28 -12.56 12.87
C CYS A 319 4.90 -11.34 12.03
N LEU A 320 3.62 -11.27 11.64
CA LEU A 320 3.11 -10.16 10.84
C LEU A 320 3.28 -8.84 11.57
N ALA A 321 3.03 -8.84 12.87
CA ALA A 321 3.17 -7.63 13.67
C ALA A 321 4.60 -7.11 13.63
N LEU A 322 5.57 -8.00 13.80
CA LEU A 322 6.95 -7.58 13.77
C LEU A 322 7.30 -7.12 12.36
N GLY A 323 6.72 -7.79 11.36
CA GLY A 323 6.96 -7.41 9.98
C GLY A 323 6.50 -5.98 9.76
N THR A 324 5.37 -5.64 10.37
CA THR A 324 4.82 -4.30 10.25
C THR A 324 5.71 -3.30 10.97
N ARG A 325 6.38 -3.73 12.02
CA ARG A 325 7.27 -2.84 12.77
C ARG A 325 8.45 -2.49 11.86
N ARG A 326 9.11 -3.52 11.33
CA ARG A 326 10.26 -3.31 10.44
C ARG A 326 9.92 -2.39 9.25
N MET A 327 8.71 -2.52 8.70
CA MET A 327 8.33 -1.69 7.58
C MET A 327 8.19 -0.24 8.02
N ALA A 328 7.61 -0.03 9.19
CA ALA A 328 7.42 1.31 9.74
C ALA A 328 8.75 2.05 9.87
N LYS A 329 9.83 1.31 10.09
CA LYS A 329 11.15 1.91 10.21
C LYS A 329 11.63 2.40 8.85
N LYS A 330 10.92 1.98 7.79
CA LYS A 330 11.23 2.38 6.43
C LYS A 330 10.22 3.46 6.05
N ASN A 331 9.47 3.89 7.06
CA ASN A 331 8.44 4.91 6.87
C ASN A 331 7.27 4.39 6.04
N ALA A 332 7.13 3.07 6.00
CA ALA A 332 6.05 2.43 5.28
C ALA A 332 4.99 2.01 6.30
N ILE A 333 3.87 2.73 6.35
CA ILE A 333 2.80 2.40 7.28
C ILE A 333 1.89 1.31 6.74
N VAL A 334 1.93 0.14 7.36
CA VAL A 334 1.12 -0.99 6.93
C VAL A 334 -0.24 -0.94 7.63
N ARG A 335 -1.30 -0.76 6.84
CA ARG A 335 -2.66 -0.67 7.37
C ARG A 335 -3.31 -2.04 7.56
N SER A 336 -2.87 -3.03 6.80
CA SER A 336 -3.41 -4.38 6.91
C SER A 336 -2.31 -5.40 7.19
N LEU A 337 -2.36 -6.07 8.35
CA LEU A 337 -1.34 -7.05 8.70
C LEU A 337 -1.09 -8.14 7.65
N PRO A 338 -2.17 -8.70 7.08
CA PRO A 338 -2.02 -9.76 6.07
C PRO A 338 -1.24 -9.37 4.82
N SER A 339 -1.47 -8.16 4.32
CA SER A 339 -0.79 -7.70 3.12
C SER A 339 0.72 -7.65 3.28
N VAL A 340 1.19 -7.65 4.53
CA VAL A 340 2.62 -7.62 4.80
C VAL A 340 3.31 -8.77 4.07
N GLU A 341 2.56 -9.86 3.93
CA GLU A 341 3.10 -11.07 3.31
C GLU A 341 2.69 -11.13 1.81
N THR A 342 1.42 -10.90 1.52
CA THR A 342 0.91 -10.93 0.14
C THR A 342 1.75 -10.05 -0.79
N LEU A 343 2.30 -9.01 -0.22
CA LEU A 343 3.13 -8.05 -0.96
C LEU A 343 4.32 -8.76 -1.62
N GLY A 344 4.70 -9.85 -0.98
CA GLY A 344 5.84 -10.68 -1.42
C GLY A 344 5.51 -11.49 -2.68
N CYS A 345 4.21 -11.69 -2.89
CA CYS A 345 3.71 -12.46 -4.05
C CYS A 345 3.40 -11.55 -5.24
N THR A 346 3.60 -10.26 -5.05
CA THR A 346 3.35 -9.25 -6.10
C THR A 346 4.12 -9.63 -7.37
N SER A 347 3.39 -9.64 -8.47
CA SER A 347 3.96 -9.97 -9.79
C SER A 347 3.91 -8.75 -10.72
N VAL A 348 2.98 -7.86 -10.46
CA VAL A 348 2.81 -6.64 -11.26
C VAL A 348 2.46 -5.46 -10.37
N ILE A 349 3.18 -4.39 -10.62
CA ILE A 349 3.00 -3.14 -9.90
C ILE A 349 2.48 -2.06 -10.85
N CYS A 350 1.21 -1.82 -10.70
CA CYS A 350 0.59 -0.80 -11.52
C CYS A 350 0.87 0.49 -10.76
N SER A 351 1.20 1.55 -11.47
CA SER A 351 1.50 2.81 -10.80
C SER A 351 1.00 4.04 -11.51
N ASP A 352 0.39 4.93 -10.72
CA ASP A 352 -0.08 6.20 -11.26
C ASP A 352 1.17 7.00 -11.62
N LYS A 353 1.05 8.03 -12.44
CA LYS A 353 2.21 8.83 -12.77
C LYS A 353 2.30 10.07 -11.87
N THR A 354 1.46 11.05 -12.15
CA THR A 354 1.45 12.31 -11.41
C THR A 354 1.26 12.25 -9.90
N GLY A 355 2.32 12.65 -9.18
CA GLY A 355 2.27 12.64 -7.73
C GLY A 355 2.69 11.31 -7.13
N THR A 356 2.81 10.30 -7.98
CA THR A 356 3.21 8.98 -7.51
C THR A 356 4.59 8.67 -8.07
N LEU A 357 4.68 8.46 -9.38
CA LEU A 357 5.96 8.21 -10.03
C LEU A 357 6.70 9.56 -10.10
N THR A 358 5.94 10.65 -10.08
CA THR A 358 6.52 11.99 -10.12
C THR A 358 6.16 12.77 -8.86
N THR A 359 6.83 13.90 -8.65
CA THR A 359 6.57 14.71 -7.46
C THR A 359 5.35 15.60 -7.60
N ASN A 360 4.96 15.83 -8.85
CA ASN A 360 3.82 16.68 -9.17
C ASN A 360 4.15 18.12 -8.76
N GLN A 361 5.43 18.48 -8.84
CA GLN A 361 5.85 19.85 -8.53
C GLN A 361 6.81 20.33 -9.61
N MET A 362 6.28 21.11 -10.56
CA MET A 362 7.03 21.68 -11.65
C MET A 362 8.43 22.10 -11.19
N SER A 363 9.45 21.65 -11.90
CA SER A 363 10.82 21.98 -11.53
C SER A 363 11.67 22.38 -12.72
N VAL A 364 12.38 23.51 -12.58
CA VAL A 364 13.27 23.95 -13.64
C VAL A 364 14.54 23.14 -13.44
N CYS A 365 14.95 22.39 -14.46
CA CYS A 365 16.15 21.58 -14.35
C CYS A 365 17.22 22.04 -15.34
N LYS A 366 16.87 22.96 -16.23
CA LYS A 366 17.81 23.50 -17.20
C LYS A 366 17.53 24.95 -17.57
N MET A 367 18.56 25.69 -17.94
CA MET A 367 18.38 27.08 -18.37
C MET A 367 19.62 27.54 -19.13
N PHE A 368 19.48 28.58 -19.92
CA PHE A 368 20.66 29.10 -20.65
C PHE A 368 20.52 30.57 -21.01
N ILE A 369 21.67 31.18 -21.10
CA ILE A 369 21.79 32.58 -21.49
C ILE A 369 22.84 32.61 -22.57
N ILE A 370 23.01 33.74 -23.24
CA ILE A 370 24.00 33.86 -24.29
C ILE A 370 25.37 33.99 -23.65
N ASP A 371 26.39 33.37 -24.25
CA ASP A 371 27.74 33.49 -23.73
C ASP A 371 28.42 34.56 -24.60
N LYS A 372 28.64 34.28 -25.87
CA LYS A 372 29.24 35.28 -26.74
C LYS A 372 28.70 35.21 -28.17
N VAL A 373 28.70 36.36 -28.83
CA VAL A 373 28.23 36.47 -30.19
C VAL A 373 29.32 37.15 -31.00
N ASP A 374 29.68 36.54 -32.13
CA ASP A 374 30.72 37.09 -32.99
C ASP A 374 30.50 36.65 -34.43
N GLY A 375 29.63 37.36 -35.13
CA GLY A 375 29.34 37.03 -36.52
C GLY A 375 28.33 35.91 -36.64
N ASP A 376 28.73 34.82 -37.27
CA ASP A 376 27.84 33.67 -37.45
C ASP A 376 28.02 32.75 -36.25
N PHE A 377 28.91 33.15 -35.35
CA PHE A 377 29.18 32.36 -34.17
C PHE A 377 28.37 32.83 -32.96
N CYS A 378 27.71 31.89 -32.30
CA CYS A 378 26.94 32.18 -31.10
C CYS A 378 27.06 30.98 -30.18
N SER A 379 27.56 31.21 -28.97
CA SER A 379 27.71 30.15 -27.99
C SER A 379 26.81 30.49 -26.81
N LEU A 380 26.27 29.46 -26.17
CA LEU A 380 25.38 29.66 -25.04
C LEU A 380 25.98 29.16 -23.73
N ASN A 381 25.59 29.80 -22.64
CA ASN A 381 26.01 29.36 -21.32
C ASN A 381 24.85 28.51 -20.80
N GLU A 382 25.03 27.19 -20.84
CA GLU A 382 24.02 26.24 -20.39
C GLU A 382 24.26 25.77 -18.96
N PHE A 383 23.19 25.67 -18.18
CA PHE A 383 23.30 25.20 -16.81
C PHE A 383 22.22 24.17 -16.55
N SER A 384 22.43 23.38 -15.51
CA SER A 384 21.46 22.38 -15.11
C SER A 384 21.13 22.75 -13.66
N ILE A 385 19.97 22.31 -13.17
CA ILE A 385 19.57 22.63 -11.81
C ILE A 385 19.05 21.38 -11.11
N THR A 386 19.58 21.10 -9.93
CA THR A 386 19.16 19.92 -9.18
C THR A 386 17.99 20.19 -8.23
N GLY A 387 17.28 19.12 -7.87
CA GLY A 387 16.14 19.25 -6.98
C GLY A 387 14.89 18.93 -7.78
N SER A 388 13.94 18.24 -7.17
CA SER A 388 12.73 17.87 -7.91
C SER A 388 11.43 18.24 -7.21
N THR A 389 11.47 19.24 -6.33
CA THR A 389 10.30 19.69 -5.62
C THR A 389 10.34 21.22 -5.50
N TYR A 390 9.38 21.80 -4.79
CA TYR A 390 9.32 23.25 -4.62
C TYR A 390 10.28 23.77 -3.54
N ALA A 391 10.91 22.86 -2.81
CA ALA A 391 11.84 23.26 -1.77
C ALA A 391 13.03 24.01 -2.36
N PRO A 392 13.47 25.08 -1.68
CA PRO A 392 14.61 25.92 -2.11
C PRO A 392 15.90 25.17 -1.82
N GLU A 393 15.95 23.92 -2.24
CA GLU A 393 17.12 23.08 -1.99
C GLU A 393 17.61 22.42 -3.26
N GLY A 394 18.84 22.74 -3.65
CA GLY A 394 19.44 22.19 -4.85
C GLY A 394 20.57 23.10 -5.30
N GLU A 395 21.21 22.76 -6.42
CA GLU A 395 22.33 23.56 -6.93
C GLU A 395 22.24 23.87 -8.41
N VAL A 396 23.02 24.87 -8.84
CA VAL A 396 23.09 25.24 -10.24
C VAL A 396 24.45 24.70 -10.69
N LEU A 397 24.49 23.99 -11.80
CA LEU A 397 25.73 23.39 -12.27
C LEU A 397 26.01 23.77 -13.70
N LYS A 398 27.30 23.82 -14.05
CA LYS A 398 27.72 24.09 -15.42
C LYS A 398 28.74 23.00 -15.67
N ASN A 399 28.50 22.22 -16.72
CA ASN A 399 29.41 21.11 -17.03
C ASN A 399 29.51 20.21 -15.79
N ASP A 400 28.36 19.95 -15.16
CA ASP A 400 28.26 19.11 -13.98
C ASP A 400 28.96 19.60 -12.71
N LYS A 401 29.34 20.87 -12.69
CA LYS A 401 30.01 21.41 -11.50
C LYS A 401 29.30 22.63 -10.92
N PRO A 402 29.15 22.67 -9.60
CA PRO A 402 28.49 23.77 -8.89
C PRO A 402 29.13 25.12 -9.19
N ILE A 403 28.33 26.10 -9.58
CA ILE A 403 28.83 27.44 -9.83
C ILE A 403 27.99 28.42 -9.04
N ARG A 404 28.45 29.66 -8.93
CA ARG A 404 27.72 30.69 -8.22
C ARG A 404 27.00 31.51 -9.31
N SER A 405 25.71 31.29 -9.46
CA SER A 405 24.92 32.00 -10.47
C SER A 405 25.17 33.49 -10.50
N GLY A 406 25.36 34.10 -9.32
CA GLY A 406 25.60 35.53 -9.24
C GLY A 406 26.80 36.07 -9.99
N GLN A 407 27.68 35.20 -10.43
CA GLN A 407 28.88 35.62 -11.17
C GLN A 407 28.61 35.70 -12.66
N PHE A 408 27.39 35.38 -13.05
CA PHE A 408 26.99 35.44 -14.45
C PHE A 408 25.93 36.52 -14.52
N ASP A 409 26.29 37.68 -15.05
CA ASP A 409 25.36 38.81 -15.16
C ASP A 409 24.08 38.42 -15.90
N GLY A 410 24.20 37.49 -16.84
CA GLY A 410 23.05 37.07 -17.59
C GLY A 410 22.06 36.36 -16.69
N LEU A 411 22.58 35.61 -15.72
CA LEU A 411 21.74 34.89 -14.78
C LEU A 411 21.09 35.82 -13.80
N VAL A 412 21.75 36.92 -13.47
CA VAL A 412 21.16 37.86 -12.54
C VAL A 412 19.89 38.43 -13.14
N GLU A 413 19.90 38.71 -14.44
CA GLU A 413 18.71 39.25 -15.09
C GLU A 413 17.67 38.15 -15.29
N LEU A 414 18.12 36.93 -15.53
CA LEU A 414 17.21 35.80 -15.71
C LEU A 414 16.43 35.60 -14.40
N ALA A 415 17.15 35.58 -13.28
CA ALA A 415 16.54 35.41 -11.98
C ALA A 415 15.57 36.55 -11.73
N THR A 416 15.97 37.75 -12.14
CA THR A 416 15.16 38.94 -11.95
C THR A 416 13.83 38.87 -12.68
N ILE A 417 13.86 38.36 -13.90
CA ILE A 417 12.65 38.21 -14.67
C ILE A 417 11.78 37.12 -14.03
N CYS A 418 12.41 36.04 -13.56
CA CYS A 418 11.66 34.96 -12.95
C CYS A 418 10.94 35.39 -11.68
N ALA A 419 11.58 36.26 -10.92
CA ALA A 419 11.04 36.75 -9.67
C ALA A 419 9.97 37.84 -9.84
N LEU A 420 10.19 38.75 -10.78
CA LEU A 420 9.26 39.84 -11.01
C LEU A 420 8.10 39.52 -11.96
N CYS A 421 8.37 38.82 -13.05
CA CYS A 421 7.30 38.47 -13.98
C CYS A 421 6.71 37.21 -13.41
N ASN A 422 6.00 37.37 -12.30
CA ASN A 422 5.46 36.22 -11.59
C ASN A 422 4.33 36.66 -10.66
N ASP A 423 3.16 36.03 -10.80
CA ASP A 423 1.99 36.33 -9.96
C ASP A 423 1.81 35.30 -8.86
N SER A 424 2.73 34.35 -8.76
CA SER A 424 2.61 33.31 -7.75
C SER A 424 3.80 33.35 -6.80
N SER A 425 3.80 32.45 -5.82
CA SER A 425 4.90 32.39 -4.86
C SER A 425 5.05 30.99 -4.29
N LEU A 426 5.85 30.88 -3.23
CA LEU A 426 6.11 29.61 -2.59
C LEU A 426 5.92 29.77 -1.09
N ASP A 427 5.49 28.71 -0.42
CA ASP A 427 5.30 28.82 1.02
C ASP A 427 5.61 27.52 1.74
N PHE A 428 5.84 27.63 3.03
CA PHE A 428 6.13 26.46 3.85
C PHE A 428 4.95 26.16 4.76
N ASN A 429 4.29 25.02 4.54
CA ASN A 429 3.16 24.65 5.38
C ASN A 429 3.72 24.09 6.69
N GLU A 430 3.80 24.94 7.71
CA GLU A 430 4.33 24.50 8.99
C GLU A 430 3.59 23.28 9.53
N THR A 431 2.35 23.07 9.09
CA THR A 431 1.57 21.92 9.53
C THR A 431 2.00 20.63 8.84
N LYS A 432 1.93 20.61 7.51
CA LYS A 432 2.33 19.41 6.77
C LYS A 432 3.85 19.26 6.78
N GLY A 433 4.54 20.33 7.15
CA GLY A 433 5.99 20.30 7.20
C GLY A 433 6.66 20.30 5.85
N VAL A 434 5.98 20.81 4.83
CA VAL A 434 6.54 20.84 3.47
C VAL A 434 6.27 22.16 2.75
N TYR A 435 7.05 22.43 1.73
CA TYR A 435 6.89 23.63 0.94
C TYR A 435 5.75 23.40 -0.05
N GLU A 436 4.94 24.44 -0.26
CA GLU A 436 3.81 24.35 -1.16
C GLU A 436 3.75 25.54 -2.09
N LYS A 437 3.19 25.32 -3.28
CA LYS A 437 3.06 26.39 -4.24
C LYS A 437 1.90 27.29 -3.83
N VAL A 438 1.93 28.51 -4.32
CA VAL A 438 0.89 29.51 -4.07
C VAL A 438 0.64 30.06 -5.46
N GLY A 439 -0.46 29.64 -6.09
CA GLY A 439 -0.77 30.11 -7.42
C GLY A 439 -0.50 29.01 -8.44
N GLU A 440 0.11 29.39 -9.57
CA GLU A 440 0.43 28.48 -10.68
C GLU A 440 1.74 27.71 -10.47
N ALA A 441 1.71 26.42 -10.76
CA ALA A 441 2.88 25.58 -10.61
C ALA A 441 4.03 26.05 -11.51
N THR A 442 3.74 26.33 -12.77
CA THR A 442 4.78 26.78 -13.70
C THR A 442 5.40 28.14 -13.33
N GLU A 443 4.79 28.83 -12.37
CA GLU A 443 5.31 30.12 -11.91
C GLU A 443 6.08 29.85 -10.63
N THR A 444 5.54 29.01 -9.76
CA THR A 444 6.23 28.70 -8.51
C THR A 444 7.56 28.05 -8.85
N ALA A 445 7.63 27.31 -9.96
CA ALA A 445 8.87 26.67 -10.38
C ALA A 445 9.92 27.76 -10.55
N LEU A 446 9.53 28.92 -11.06
CA LEU A 446 10.43 30.04 -11.23
C LEU A 446 10.85 30.59 -9.86
N THR A 447 9.90 30.62 -8.93
CA THR A 447 10.16 31.11 -7.59
C THR A 447 11.24 30.31 -6.89
N THR A 448 11.10 28.98 -6.89
CA THR A 448 12.09 28.14 -6.23
C THR A 448 13.41 28.17 -7.01
N LEU A 449 13.35 28.30 -8.34
CA LEU A 449 14.58 28.39 -9.10
C LEU A 449 15.38 29.59 -8.56
N VAL A 450 14.69 30.71 -8.38
CA VAL A 450 15.31 31.93 -7.88
C VAL A 450 15.93 31.71 -6.50
N GLU A 451 15.23 30.98 -5.64
CA GLU A 451 15.74 30.71 -4.29
C GLU A 451 16.99 29.84 -4.36
N LYS A 452 17.06 28.97 -5.37
CA LYS A 452 18.23 28.12 -5.53
C LYS A 452 19.40 28.92 -6.11
N MET A 453 19.12 29.79 -7.08
CA MET A 453 20.19 30.58 -7.70
C MET A 453 20.83 31.55 -6.72
N ASN A 454 20.01 32.24 -5.93
CA ASN A 454 20.52 33.19 -4.94
C ASN A 454 21.61 34.05 -5.56
N VAL A 455 21.26 34.77 -6.62
CA VAL A 455 22.20 35.60 -7.35
C VAL A 455 22.92 36.71 -6.59
N PHE A 456 22.40 37.13 -5.45
CA PHE A 456 23.03 38.18 -4.66
C PHE A 456 23.66 37.60 -3.41
N ASN A 457 23.76 36.27 -3.39
CA ASN A 457 24.35 35.54 -2.27
C ASN A 457 23.79 35.97 -0.91
N THR A 458 22.48 36.21 -0.89
CA THR A 458 21.78 36.58 0.33
C THR A 458 22.10 35.49 1.38
N GLU A 459 22.15 35.87 2.64
CA GLU A 459 22.43 34.91 3.71
C GLU A 459 21.17 34.10 4.00
N VAL A 460 21.25 32.79 3.88
CA VAL A 460 20.08 31.94 4.11
C VAL A 460 20.30 30.75 5.04
N ARG A 461 21.53 30.54 5.49
CA ARG A 461 21.81 29.39 6.35
C ARG A 461 21.08 29.45 7.70
N ASN A 462 21.00 30.64 8.28
CA ASN A 462 20.35 30.80 9.57
C ASN A 462 18.89 31.25 9.47
N LEU A 463 18.14 30.64 8.56
CA LEU A 463 16.73 30.99 8.40
C LEU A 463 15.81 29.83 8.66
N SER A 464 14.56 30.13 9.00
CA SER A 464 13.55 29.11 9.25
C SER A 464 13.00 28.68 7.90
N LYS A 465 12.35 27.53 7.87
CA LYS A 465 11.76 27.00 6.65
C LYS A 465 10.85 28.04 6.00
N VAL A 466 10.09 28.76 6.83
CA VAL A 466 9.15 29.77 6.35
C VAL A 466 9.86 30.95 5.69
N GLU A 467 10.94 31.43 6.31
CA GLU A 467 11.68 32.56 5.77
C GLU A 467 12.48 32.19 4.52
N ARG A 468 13.04 30.99 4.53
CA ARG A 468 13.86 30.50 3.43
C ARG A 468 13.07 30.44 2.10
N ALA A 469 11.76 30.30 2.21
CA ALA A 469 10.89 30.20 1.03
C ALA A 469 10.84 31.42 0.11
N ASN A 470 11.10 32.60 0.65
CA ASN A 470 11.05 33.80 -0.17
C ASN A 470 12.23 34.75 0.02
N ALA A 471 13.28 34.27 0.67
CA ALA A 471 14.45 35.10 0.94
C ALA A 471 15.04 35.81 -0.28
N CYS A 472 15.51 35.04 -1.27
CA CYS A 472 16.11 35.65 -2.46
C CYS A 472 15.12 36.38 -3.36
N ASN A 473 13.89 35.90 -3.40
CA ASN A 473 12.86 36.55 -4.21
C ASN A 473 12.53 37.92 -3.62
N SER A 474 12.45 37.98 -2.30
CA SER A 474 12.17 39.23 -1.61
C SER A 474 13.23 40.28 -1.94
N VAL A 475 14.49 39.85 -1.96
CA VAL A 475 15.58 40.77 -2.27
C VAL A 475 15.40 41.39 -3.64
N ILE A 476 15.01 40.57 -4.62
CA ILE A 476 14.82 41.08 -5.98
C ILE A 476 13.58 41.97 -6.09
N ARG A 477 12.55 41.69 -5.30
CA ARG A 477 11.33 42.48 -5.33
C ARG A 477 11.52 43.90 -4.80
N GLN A 478 12.66 44.13 -4.15
CA GLN A 478 12.96 45.45 -3.60
C GLN A 478 13.72 46.31 -4.59
N LEU A 479 14.25 45.69 -5.64
CA LEU A 479 15.01 46.42 -6.64
C LEU A 479 14.17 47.17 -7.64
N MET A 480 12.95 46.72 -7.84
CA MET A 480 12.05 47.35 -8.81
C MET A 480 10.65 47.40 -8.26
N LYS A 481 9.91 48.41 -8.69
CA LYS A 481 8.53 48.55 -8.27
C LYS A 481 7.69 47.95 -9.41
N LYS A 482 6.80 47.02 -9.08
CA LYS A 482 5.96 46.44 -10.11
C LYS A 482 4.75 47.34 -10.32
N GLU A 483 4.77 48.12 -11.39
CA GLU A 483 3.67 49.03 -11.72
C GLU A 483 2.39 48.28 -12.08
N PHE A 484 2.48 47.30 -12.96
CA PHE A 484 1.33 46.51 -13.36
C PHE A 484 1.76 45.29 -14.15
N THR A 485 0.82 44.39 -14.41
CA THR A 485 1.15 43.20 -15.15
C THR A 485 0.17 42.92 -16.27
N LEU A 486 0.70 42.51 -17.42
CA LEU A 486 -0.12 42.16 -18.58
C LEU A 486 -0.27 40.65 -18.51
N GLU A 487 -1.36 40.20 -17.90
CA GLU A 487 -1.63 38.77 -17.73
C GLU A 487 -1.54 37.94 -18.98
N PHE A 488 -1.19 36.67 -18.77
CA PHE A 488 -1.09 35.69 -19.82
C PHE A 488 -2.38 35.62 -20.66
N SER A 489 -2.21 35.56 -21.98
CA SER A 489 -3.29 35.47 -22.97
C SER A 489 -3.00 34.27 -23.85
N ARG A 490 -4.05 33.58 -24.31
CA ARG A 490 -3.90 32.37 -25.13
C ARG A 490 -3.39 32.65 -26.54
N ASP A 491 -3.71 33.80 -27.11
CA ASP A 491 -3.25 34.11 -28.46
C ASP A 491 -1.78 34.46 -28.49
N ARG A 492 -1.37 35.36 -27.60
CA ARG A 492 0.01 35.81 -27.48
C ARG A 492 0.95 34.75 -26.86
N LYS A 493 0.45 34.02 -25.88
CA LYS A 493 1.24 32.99 -25.21
C LYS A 493 2.48 33.52 -24.48
N SER A 494 2.29 34.64 -23.78
CA SER A 494 3.35 35.25 -23.00
C SER A 494 2.72 36.12 -21.93
N MET A 495 3.51 36.50 -20.95
CA MET A 495 3.07 37.33 -19.85
C MET A 495 4.18 38.34 -19.60
N SER A 496 3.81 39.55 -19.19
CA SER A 496 4.83 40.55 -18.89
C SER A 496 4.42 41.44 -17.72
N VAL A 497 5.41 42.13 -17.16
CA VAL A 497 5.16 43.06 -16.05
C VAL A 497 5.91 44.33 -16.37
N TYR A 498 5.33 45.45 -15.98
CA TYR A 498 5.92 46.74 -16.22
C TYR A 498 6.49 47.21 -14.89
N CYS A 499 7.79 47.46 -14.87
CA CYS A 499 8.44 47.88 -13.64
C CYS A 499 9.15 49.23 -13.71
N SER A 500 9.13 49.94 -12.60
CA SER A 500 9.81 51.23 -12.52
C SER A 500 10.89 51.05 -11.46
N PRO A 501 11.97 51.82 -11.56
CA PRO A 501 13.08 51.73 -10.59
C PRO A 501 12.63 52.00 -9.15
N ALA A 502 13.11 51.19 -8.22
CA ALA A 502 12.74 51.35 -6.82
C ALA A 502 13.83 52.02 -5.99
N LYS A 503 14.74 51.22 -5.45
CA LYS A 503 15.83 51.75 -4.64
C LYS A 503 16.56 52.84 -5.43
N SER A 504 17.06 53.84 -4.75
CA SER A 504 17.77 54.93 -5.40
C SER A 504 19.14 54.46 -5.88
N SER A 505 19.43 53.18 -5.67
CA SER A 505 20.70 52.58 -6.08
C SER A 505 20.91 52.64 -7.59
N ARG A 506 19.82 52.56 -8.34
CA ARG A 506 19.87 52.60 -9.79
C ARG A 506 18.67 53.38 -10.37
N ALA A 507 18.78 54.70 -10.36
CA ALA A 507 17.71 55.57 -10.87
C ALA A 507 17.92 55.94 -12.35
N ALA A 508 19.14 55.72 -12.84
CA ALA A 508 19.48 56.03 -14.24
C ALA A 508 19.11 54.87 -15.16
N VAL A 509 18.33 53.93 -14.61
CA VAL A 509 17.89 52.75 -15.35
C VAL A 509 16.65 53.03 -16.19
N GLY A 510 15.59 53.53 -15.54
CA GLY A 510 14.36 53.81 -16.24
C GLY A 510 13.38 52.65 -16.12
N ASN A 511 12.23 52.78 -16.77
CA ASN A 511 11.21 51.74 -16.73
C ASN A 511 11.59 50.53 -17.56
N LYS A 512 11.16 49.35 -17.11
CA LYS A 512 11.46 48.11 -17.80
C LYS A 512 10.22 47.23 -17.90
N MET A 513 10.24 46.30 -18.85
CA MET A 513 9.17 45.33 -19.01
C MET A 513 9.85 43.97 -19.03
N PHE A 514 9.42 43.08 -18.16
CA PHE A 514 9.99 41.74 -18.11
C PHE A 514 8.94 40.79 -18.66
N VAL A 515 9.35 40.03 -19.67
CA VAL A 515 8.49 39.11 -20.41
C VAL A 515 8.90 37.64 -20.39
N LYS A 516 7.90 36.75 -20.43
CA LYS A 516 8.15 35.31 -20.46
C LYS A 516 7.02 34.67 -21.24
N GLY A 517 7.28 33.54 -21.88
CA GLY A 517 6.25 32.87 -22.63
C GLY A 517 6.78 31.78 -23.55
N ALA A 518 5.90 31.21 -24.36
CA ALA A 518 6.29 30.18 -25.31
C ALA A 518 7.42 30.80 -26.14
N PRO A 519 8.54 30.07 -26.30
CA PRO A 519 9.74 30.50 -27.05
C PRO A 519 9.57 31.10 -28.45
N GLU A 520 8.89 30.39 -29.33
CA GLU A 520 8.72 30.86 -30.69
C GLU A 520 8.20 32.30 -30.80
N GLY A 521 7.06 32.57 -30.16
CA GLY A 521 6.48 33.90 -30.22
C GLY A 521 7.29 34.98 -29.53
N VAL A 522 7.85 34.68 -28.36
CA VAL A 522 8.62 35.68 -27.66
C VAL A 522 9.90 36.02 -28.42
N ILE A 523 10.59 34.99 -28.90
CA ILE A 523 11.83 35.20 -29.65
C ILE A 523 11.55 35.97 -30.95
N ASP A 524 10.41 35.71 -31.57
CA ASP A 524 10.08 36.43 -32.79
C ASP A 524 9.87 37.91 -32.49
N ARG A 525 9.55 38.23 -31.25
CA ARG A 525 9.32 39.63 -30.89
C ARG A 525 10.55 40.29 -30.25
N CYS A 526 11.70 39.64 -30.39
CA CYS A 526 12.96 40.18 -29.85
C CYS A 526 13.78 40.76 -30.99
N ASN A 527 14.32 41.96 -30.82
CA ASN A 527 15.17 42.55 -31.85
C ASN A 527 16.60 42.56 -31.33
N TYR A 528 16.74 42.23 -30.06
CA TYR A 528 18.04 42.23 -29.42
C TYR A 528 18.20 40.98 -28.59
N VAL A 529 19.46 40.69 -28.30
CA VAL A 529 19.86 39.56 -27.50
C VAL A 529 20.82 40.14 -26.48
N ARG A 530 20.68 39.73 -25.22
CA ARG A 530 21.57 40.21 -24.18
C ARG A 530 22.76 39.29 -24.04
N VAL A 531 23.93 39.89 -23.85
CA VAL A 531 25.18 39.16 -23.66
C VAL A 531 25.80 39.74 -22.40
N GLY A 532 25.62 39.05 -21.28
CA GLY A 532 26.13 39.54 -20.03
C GLY A 532 25.31 40.75 -19.64
N THR A 533 25.87 41.94 -19.84
CA THR A 533 25.21 43.18 -19.49
C THR A 533 24.96 44.05 -20.72
N THR A 534 25.65 43.75 -21.81
CA THR A 534 25.46 44.55 -23.01
C THR A 534 24.44 43.87 -23.93
N ARG A 535 24.17 44.50 -25.06
CA ARG A 535 23.20 43.97 -26.02
C ARG A 535 23.64 44.07 -27.49
N VAL A 536 23.33 43.02 -28.26
CA VAL A 536 23.65 43.00 -29.69
C VAL A 536 22.36 42.71 -30.45
N PRO A 537 22.29 43.10 -31.73
CA PRO A 537 21.07 42.85 -32.50
C PRO A 537 20.80 41.38 -32.72
N MET A 538 19.52 41.04 -32.86
CA MET A 538 19.12 39.66 -33.10
C MET A 538 19.38 39.35 -34.58
N THR A 539 20.25 38.39 -34.85
CA THR A 539 20.56 38.00 -36.22
C THR A 539 20.14 36.56 -36.49
N GLY A 540 20.01 36.22 -37.76
CA GLY A 540 19.62 34.87 -38.14
C GLY A 540 20.43 33.78 -37.45
N PRO A 541 21.77 33.89 -37.45
CA PRO A 541 22.65 32.91 -36.82
C PRO A 541 22.40 32.76 -35.31
N VAL A 542 22.16 33.90 -34.66
CA VAL A 542 21.89 33.92 -33.22
C VAL A 542 20.54 33.25 -32.94
N LYS A 543 19.52 33.65 -33.69
CA LYS A 543 18.18 33.10 -33.55
C LYS A 543 18.20 31.59 -33.82
N GLU A 544 19.01 31.18 -34.79
CA GLU A 544 19.15 29.78 -35.15
C GLU A 544 19.65 28.94 -33.96
N LYS A 545 20.73 29.37 -33.33
CA LYS A 545 21.32 28.64 -32.22
C LYS A 545 20.36 28.55 -31.04
N ILE A 546 19.67 29.64 -30.76
CA ILE A 546 18.71 29.68 -29.67
C ILE A 546 17.58 28.68 -29.93
N LEU A 547 16.97 28.76 -31.11
CA LEU A 547 15.87 27.86 -31.45
C LEU A 547 16.27 26.40 -31.53
N SER A 548 17.51 26.12 -31.92
CA SER A 548 17.96 24.74 -32.03
C SER A 548 18.08 24.09 -30.66
N VAL A 549 18.53 24.85 -29.67
CA VAL A 549 18.66 24.28 -28.33
C VAL A 549 17.31 24.19 -27.67
N ILE A 550 16.39 25.10 -28.03
CA ILE A 550 15.04 25.08 -27.49
C ILE A 550 14.42 23.79 -28.02
N LYS A 551 14.66 23.53 -29.30
CA LYS A 551 14.14 22.35 -29.99
C LYS A 551 14.60 21.06 -29.29
N GLU A 552 15.90 20.97 -29.00
CA GLU A 552 16.46 19.79 -28.32
C GLU A 552 15.79 19.56 -26.99
N TRP A 553 15.73 20.62 -26.19
CA TRP A 553 15.14 20.54 -24.87
C TRP A 553 13.64 20.24 -24.95
N GLY A 554 13.02 20.63 -26.05
CA GLY A 554 11.60 20.40 -26.22
C GLY A 554 11.24 18.99 -26.63
N THR A 555 12.24 18.14 -26.87
CA THR A 555 11.99 16.75 -27.28
C THR A 555 13.16 15.86 -26.88
N GLY A 556 13.13 14.62 -27.35
CA GLY A 556 14.22 13.69 -27.03
C GLY A 556 14.32 13.34 -25.56
N ARG A 557 15.55 13.15 -25.10
CA ARG A 557 15.82 12.80 -23.70
C ARG A 557 15.26 13.80 -22.69
N ASP A 558 15.19 15.07 -23.10
CA ASP A 558 14.70 16.12 -22.23
C ASP A 558 13.18 16.29 -22.17
N THR A 559 12.57 16.61 -23.32
CA THR A 559 11.13 16.87 -23.40
C THR A 559 10.69 17.74 -22.22
N LEU A 560 11.29 18.91 -22.12
CA LEU A 560 10.98 19.85 -21.06
C LEU A 560 10.04 20.91 -21.60
N ARG A 561 9.33 21.58 -20.71
CA ARG A 561 8.46 22.67 -21.14
C ARG A 561 9.44 23.86 -21.10
N CYS A 562 9.60 24.55 -22.24
CA CYS A 562 10.51 25.68 -22.30
C CYS A 562 9.80 27.03 -22.30
N LEU A 563 10.44 27.99 -21.64
CA LEU A 563 9.92 29.34 -21.52
C LEU A 563 11.06 30.28 -21.87
N ALA A 564 10.80 31.23 -22.76
CA ALA A 564 11.83 32.20 -23.14
C ALA A 564 11.60 33.41 -22.24
N LEU A 565 12.69 34.03 -21.78
CA LEU A 565 12.63 35.20 -20.94
C LEU A 565 13.27 36.38 -21.65
N ALA A 566 12.62 37.54 -21.61
CA ALA A 566 13.14 38.72 -22.29
C ALA A 566 12.69 39.96 -21.56
N THR A 567 13.28 41.10 -21.95
CA THR A 567 12.91 42.37 -21.35
C THR A 567 12.87 43.47 -22.41
N ARG A 568 11.99 44.44 -22.19
CA ARG A 568 11.89 45.56 -23.12
C ARG A 568 12.69 46.67 -22.44
N ASP A 569 13.87 46.94 -22.99
CA ASP A 569 14.74 47.97 -22.41
C ASP A 569 14.13 49.36 -22.39
N THR A 570 13.41 49.72 -23.46
CA THR A 570 12.78 51.03 -23.55
C THR A 570 11.27 50.86 -23.77
N PRO A 571 10.54 50.53 -22.70
CA PRO A 571 9.10 50.34 -22.78
C PRO A 571 8.36 51.65 -22.99
N PRO A 572 7.12 51.57 -23.49
CA PRO A 572 6.29 52.75 -23.73
C PRO A 572 5.98 53.44 -22.42
N LYS A 573 5.47 54.67 -22.49
CA LYS A 573 5.11 55.39 -21.28
C LYS A 573 3.74 54.82 -20.92
N ARG A 574 3.47 54.65 -19.63
CA ARG A 574 2.20 54.10 -19.20
C ARG A 574 1.03 54.79 -19.90
N GLU A 575 1.14 56.10 -20.09
CA GLU A 575 0.10 56.89 -20.74
C GLU A 575 -0.27 56.38 -22.12
N GLU A 576 0.74 56.06 -22.93
CA GLU A 576 0.50 55.58 -24.27
C GLU A 576 0.11 54.10 -24.34
N MET A 577 -0.27 53.54 -23.19
CA MET A 577 -0.67 52.14 -23.14
C MET A 577 -2.10 51.93 -22.61
N VAL A 578 -2.86 51.10 -23.30
CA VAL A 578 -4.22 50.77 -22.90
C VAL A 578 -4.08 49.41 -22.24
N LEU A 579 -4.47 49.31 -20.97
CA LEU A 579 -4.33 48.05 -20.26
C LEU A 579 -5.59 47.25 -19.98
N ASP A 580 -6.72 47.66 -20.56
CA ASP A 580 -7.99 46.94 -20.32
C ASP A 580 -8.31 45.83 -21.32
N ASP A 581 -7.53 45.74 -22.40
CA ASP A 581 -7.77 44.72 -23.42
C ASP A 581 -6.50 43.96 -23.77
N SER A 582 -6.45 42.69 -23.36
CA SER A 582 -5.30 41.83 -23.60
C SER A 582 -4.96 41.65 -25.08
N SER A 583 -5.84 42.11 -25.96
CA SER A 583 -5.61 41.99 -27.40
C SER A 583 -4.52 42.96 -27.86
N ARG A 584 -4.20 43.94 -27.01
CA ARG A 584 -3.19 44.93 -27.34
C ARG A 584 -1.84 44.63 -26.70
N PHE A 585 -1.84 43.76 -25.70
CA PHE A 585 -0.62 43.40 -24.98
C PHE A 585 0.55 42.94 -25.83
N MET A 586 0.29 42.05 -26.79
CA MET A 586 1.36 41.53 -27.63
C MET A 586 2.19 42.64 -28.26
N GLU A 587 1.53 43.65 -28.79
CA GLU A 587 2.23 44.75 -29.43
C GLU A 587 3.10 45.53 -28.42
N TYR A 588 2.68 45.59 -27.17
CA TYR A 588 3.47 46.29 -26.16
C TYR A 588 4.71 45.46 -25.83
N GLU A 589 4.60 44.15 -26.05
CA GLU A 589 5.70 43.21 -25.80
C GLU A 589 6.47 42.92 -27.08
N THR A 590 6.97 43.98 -27.72
CA THR A 590 7.73 43.86 -28.96
C THR A 590 9.05 44.64 -28.82
N ASP A 591 9.93 44.50 -29.81
CA ASP A 591 11.21 45.20 -29.79
C ASP A 591 11.92 44.82 -28.50
N LEU A 592 11.82 43.54 -28.14
CA LEU A 592 12.38 43.02 -26.91
C LEU A 592 13.82 42.55 -27.02
N THR A 593 14.45 42.37 -25.86
CA THR A 593 15.81 41.88 -25.79
C THR A 593 15.75 40.50 -25.15
N PHE A 594 16.13 39.49 -25.92
CA PHE A 594 16.14 38.12 -25.44
C PHE A 594 17.16 37.98 -24.31
N VAL A 595 16.80 37.26 -23.26
CA VAL A 595 17.72 37.07 -22.15
C VAL A 595 18.10 35.61 -21.91
N GLY A 596 17.12 34.72 -21.95
CA GLY A 596 17.42 33.32 -21.75
C GLY A 596 16.23 32.40 -21.83
N VAL A 597 16.47 31.14 -21.52
CA VAL A 597 15.43 30.13 -21.55
C VAL A 597 15.54 29.25 -20.31
N VAL A 598 14.38 28.79 -19.84
CA VAL A 598 14.35 27.87 -18.71
C VAL A 598 13.54 26.66 -19.17
N GLY A 599 13.96 25.46 -18.77
CA GLY A 599 13.28 24.25 -19.13
C GLY A 599 12.79 23.59 -17.85
N MET A 600 11.51 23.24 -17.80
CA MET A 600 10.93 22.64 -16.60
C MET A 600 10.04 21.44 -16.89
N LEU A 601 9.77 20.66 -15.84
CA LEU A 601 8.87 19.53 -15.99
C LEU A 601 8.44 18.97 -14.64
N ASP A 602 7.39 18.15 -14.67
CA ASP A 602 6.93 17.45 -13.48
C ASP A 602 7.93 16.28 -13.43
N PRO A 603 8.96 16.36 -12.56
CA PRO A 603 10.04 15.38 -12.46
C PRO A 603 9.64 14.04 -11.81
N PRO A 604 10.29 12.95 -12.21
CA PRO A 604 10.11 11.63 -11.61
C PRO A 604 10.82 11.70 -10.27
N ARG A 605 10.35 10.93 -9.29
CA ARG A 605 11.00 10.94 -7.99
C ARG A 605 12.35 10.27 -8.18
N LYS A 606 13.35 10.71 -7.43
CA LYS A 606 14.72 10.20 -7.56
C LYS A 606 14.94 8.69 -7.57
N GLU A 607 14.26 7.98 -6.68
CA GLU A 607 14.48 6.55 -6.59
C GLU A 607 13.64 5.64 -7.47
N VAL A 608 12.84 6.21 -8.36
CA VAL A 608 11.99 5.40 -9.22
C VAL A 608 12.75 4.55 -10.22
N MET A 609 13.73 5.13 -10.89
CA MET A 609 14.50 4.40 -11.88
C MET A 609 15.19 3.17 -11.30
N GLY A 610 15.91 3.36 -10.20
CA GLY A 610 16.58 2.22 -9.59
C GLY A 610 15.57 1.18 -9.14
N SER A 611 14.44 1.64 -8.61
CA SER A 611 13.39 0.75 -8.14
C SER A 611 12.85 -0.14 -9.24
N ILE A 612 12.57 0.46 -10.39
CA ILE A 612 12.03 -0.28 -11.52
C ILE A 612 13.02 -1.33 -12.03
N GLN A 613 14.32 -1.06 -11.88
CA GLN A 613 15.35 -2.01 -12.31
C GLN A 613 15.39 -3.17 -11.33
N LEU A 614 15.17 -2.89 -10.04
CA LEU A 614 15.18 -3.96 -9.05
C LEU A 614 13.98 -4.88 -9.28
N CYS A 615 12.82 -4.30 -9.62
CA CYS A 615 11.63 -5.11 -9.87
C CYS A 615 11.84 -6.05 -11.04
N ARG A 616 12.46 -5.52 -12.09
CA ARG A 616 12.74 -6.29 -13.30
C ARG A 616 13.47 -7.58 -12.95
N ASP A 617 14.52 -7.47 -12.15
CA ASP A 617 15.30 -8.63 -11.74
C ASP A 617 14.53 -9.54 -10.79
N ALA A 618 13.45 -9.03 -10.24
CA ALA A 618 12.63 -9.82 -9.33
C ALA A 618 11.45 -10.38 -10.11
N GLY A 619 11.45 -10.16 -11.42
CA GLY A 619 10.39 -10.68 -12.27
C GLY A 619 9.08 -9.96 -12.09
N ILE A 620 9.15 -8.72 -11.60
CA ILE A 620 7.95 -7.92 -11.38
C ILE A 620 7.81 -6.82 -12.43
N ARG A 621 6.71 -6.86 -13.17
CA ARG A 621 6.45 -5.85 -14.18
C ARG A 621 6.01 -4.56 -13.49
N VAL A 622 6.20 -3.45 -14.20
CA VAL A 622 5.80 -2.16 -13.70
C VAL A 622 5.06 -1.48 -14.83
N ILE A 623 3.80 -1.15 -14.58
CA ILE A 623 2.93 -0.55 -15.57
C ILE A 623 2.43 0.84 -15.18
N MET A 624 2.67 1.83 -16.04
CA MET A 624 2.18 3.18 -15.77
C MET A 624 0.73 3.31 -16.24
N ILE A 625 -0.13 3.82 -15.36
CA ILE A 625 -1.54 4.04 -15.66
C ILE A 625 -1.88 5.47 -15.20
N THR A 626 -1.94 6.39 -16.16
CA THR A 626 -2.19 7.79 -15.85
C THR A 626 -3.33 8.46 -16.59
N GLY A 627 -3.85 9.53 -16.03
CA GLY A 627 -4.91 10.27 -16.68
C GLY A 627 -4.34 11.37 -17.57
N ASP A 628 -3.03 11.58 -17.48
CA ASP A 628 -2.33 12.62 -18.26
C ASP A 628 -2.19 12.24 -19.74
N ASN A 629 -1.88 13.22 -20.59
CA ASN A 629 -1.72 12.97 -22.03
C ASN A 629 -0.59 11.97 -22.27
N LYS A 630 -0.67 11.26 -23.40
CA LYS A 630 0.32 10.25 -23.74
C LYS A 630 1.76 10.76 -23.91
N GLY A 631 1.93 11.93 -24.51
CA GLY A 631 3.26 12.47 -24.70
C GLY A 631 4.06 12.55 -23.41
N THR A 632 3.44 13.09 -22.36
CA THR A 632 4.10 13.22 -21.07
C THR A 632 4.24 11.87 -20.41
N ALA A 633 3.23 11.02 -20.59
CA ALA A 633 3.26 9.67 -20.02
C ALA A 633 4.48 8.92 -20.54
N ILE A 634 4.64 8.89 -21.86
CA ILE A 634 5.76 8.19 -22.46
C ILE A 634 7.10 8.81 -22.09
N ALA A 635 7.17 10.14 -22.12
CA ALA A 635 8.40 10.82 -21.78
C ALA A 635 8.89 10.37 -20.40
N ILE A 636 7.99 10.34 -19.43
CA ILE A 636 8.36 9.93 -18.07
C ILE A 636 8.74 8.45 -18.05
N CYS A 637 8.08 7.65 -18.89
CA CYS A 637 8.39 6.23 -18.95
C CYS A 637 9.84 6.05 -19.44
N ARG A 638 10.27 6.91 -20.37
CA ARG A 638 11.64 6.81 -20.87
C ARG A 638 12.61 7.24 -19.77
N ARG A 639 12.29 8.33 -19.08
CA ARG A 639 13.19 8.79 -18.01
C ARG A 639 13.39 7.81 -16.88
N ILE A 640 12.38 7.01 -16.56
CA ILE A 640 12.53 6.07 -15.46
C ILE A 640 12.88 4.65 -15.90
N GLY A 641 12.98 4.44 -17.21
CA GLY A 641 13.36 3.13 -17.68
C GLY A 641 12.28 2.13 -18.03
N ILE A 642 11.02 2.54 -18.01
CA ILE A 642 9.94 1.64 -18.38
C ILE A 642 10.04 1.40 -19.89
N PHE A 643 10.59 2.39 -20.61
CA PHE A 643 10.78 2.32 -22.06
C PHE A 643 12.22 2.71 -22.37
N GLY A 644 12.73 2.22 -23.49
CA GLY A 644 14.09 2.56 -23.88
C GLY A 644 14.11 4.00 -24.34
N GLU A 645 15.28 4.62 -24.27
CA GLU A 645 15.41 6.02 -24.67
C GLU A 645 14.91 6.28 -26.08
N ASN A 646 15.08 5.31 -26.99
CA ASN A 646 14.63 5.48 -28.35
C ASN A 646 13.67 4.39 -28.80
N GLU A 647 13.21 3.59 -27.86
CA GLU A 647 12.29 2.50 -28.18
C GLU A 647 11.02 2.97 -28.87
N GLU A 648 10.48 2.11 -29.73
CA GLU A 648 9.24 2.40 -30.43
C GLU A 648 8.15 1.78 -29.56
N VAL A 649 7.17 2.56 -29.15
CA VAL A 649 6.09 2.06 -28.30
C VAL A 649 4.78 1.88 -29.03
N ALA A 650 4.85 1.56 -30.31
CA ALA A 650 3.67 1.36 -31.14
C ALA A 650 2.51 0.68 -30.41
N ASP A 651 2.73 -0.55 -29.96
CA ASP A 651 1.67 -1.29 -29.27
C ASP A 651 1.97 -1.57 -27.80
N ARG A 652 2.76 -0.69 -27.18
CA ARG A 652 3.08 -0.85 -25.77
C ARG A 652 2.65 0.35 -24.95
N ALA A 653 1.97 1.27 -25.62
CA ALA A 653 1.45 2.48 -24.97
C ALA A 653 0.10 2.80 -25.61
N TYR A 654 -0.94 2.87 -24.79
CA TYR A 654 -2.29 3.16 -25.27
C TYR A 654 -2.96 4.31 -24.53
N THR A 655 -3.86 5.00 -25.23
CA THR A 655 -4.64 6.08 -24.60
C THR A 655 -5.92 5.36 -24.18
N GLY A 656 -6.78 6.04 -23.43
CA GLY A 656 -8.01 5.43 -23.00
C GLY A 656 -8.85 5.03 -24.20
N ARG A 657 -8.90 5.89 -25.21
CA ARG A 657 -9.69 5.59 -26.39
C ARG A 657 -9.09 4.43 -27.19
N GLU A 658 -7.81 4.51 -27.51
CA GLU A 658 -7.17 3.44 -28.26
C GLU A 658 -7.41 2.09 -27.56
N PHE A 659 -7.40 2.10 -26.24
CA PHE A 659 -7.61 0.88 -25.46
C PHE A 659 -9.03 0.36 -25.67
N ASP A 660 -10.00 1.27 -25.57
CA ASP A 660 -11.40 0.92 -25.75
C ASP A 660 -11.73 0.49 -27.18
N ASP A 661 -10.92 0.92 -28.14
CA ASP A 661 -11.14 0.55 -29.54
C ASP A 661 -10.64 -0.86 -29.77
N LEU A 662 -10.18 -1.49 -28.70
CA LEU A 662 -9.70 -2.85 -28.80
C LEU A 662 -10.75 -3.80 -28.27
N PRO A 663 -10.97 -4.92 -28.98
CA PRO A 663 -11.96 -5.89 -28.52
C PRO A 663 -11.47 -6.46 -27.19
N LEU A 664 -12.40 -6.76 -26.30
CA LEU A 664 -12.07 -7.28 -24.99
C LEU A 664 -10.86 -8.21 -24.92
N ALA A 665 -10.82 -9.22 -25.78
CA ALA A 665 -9.71 -10.16 -25.79
C ALA A 665 -8.35 -9.48 -25.98
N GLU A 666 -8.30 -8.51 -26.89
CA GLU A 666 -7.08 -7.77 -27.16
C GLU A 666 -6.74 -6.88 -25.96
N GLN A 667 -7.77 -6.30 -25.35
CA GLN A 667 -7.55 -5.44 -24.20
C GLN A 667 -6.81 -6.24 -23.16
N ARG A 668 -7.37 -7.40 -22.84
CA ARG A 668 -6.79 -8.30 -21.85
C ARG A 668 -5.34 -8.59 -22.20
N GLU A 669 -5.09 -8.99 -23.44
CA GLU A 669 -3.74 -9.30 -23.86
C GLU A 669 -2.82 -8.07 -23.75
N ALA A 670 -3.37 -6.89 -24.07
CA ALA A 670 -2.62 -5.64 -24.02
C ALA A 670 -2.06 -5.34 -22.64
N CYS A 671 -2.77 -5.76 -21.60
CA CYS A 671 -2.34 -5.51 -20.23
C CYS A 671 -1.09 -6.31 -19.87
N ARG A 672 -0.87 -7.39 -20.61
CA ARG A 672 0.29 -8.24 -20.39
C ARG A 672 1.49 -7.80 -21.20
N ARG A 673 1.24 -7.06 -22.28
CA ARG A 673 2.29 -6.57 -23.17
C ARG A 673 2.66 -5.11 -22.94
N ALA A 674 1.66 -4.23 -22.92
CA ALA A 674 1.86 -2.78 -22.74
C ALA A 674 2.19 -2.35 -21.31
N CYS A 675 2.94 -1.26 -21.19
CA CYS A 675 3.34 -0.75 -19.87
C CYS A 675 2.97 0.70 -19.62
N CYS A 676 2.32 1.32 -20.60
CA CYS A 676 1.91 2.71 -20.45
C CYS A 676 0.49 2.93 -20.95
N PHE A 677 -0.41 3.28 -20.03
CA PHE A 677 -1.80 3.56 -20.38
C PHE A 677 -2.06 5.00 -19.95
N ALA A 678 -2.28 5.86 -20.94
CA ALA A 678 -2.50 7.27 -20.69
C ALA A 678 -3.90 7.74 -21.08
N ARG A 679 -4.25 8.92 -20.56
CA ARG A 679 -5.54 9.53 -20.82
C ARG A 679 -6.63 8.52 -20.50
N VAL A 680 -6.49 7.87 -19.36
CA VAL A 680 -7.43 6.86 -18.90
C VAL A 680 -8.31 7.41 -17.77
N GLU A 681 -9.47 6.81 -17.57
CA GLU A 681 -10.38 7.24 -16.51
C GLU A 681 -10.17 6.36 -15.29
N PRO A 682 -10.77 6.74 -14.15
CA PRO A 682 -10.62 5.94 -12.94
C PRO A 682 -10.99 4.45 -13.12
N SER A 683 -12.07 4.19 -13.86
CA SER A 683 -12.52 2.82 -14.10
C SER A 683 -11.57 2.06 -15.03
N HIS A 684 -10.79 2.79 -15.82
CA HIS A 684 -9.82 2.18 -16.72
C HIS A 684 -8.72 1.55 -15.86
N LYS A 685 -8.32 2.27 -14.81
CA LYS A 685 -7.26 1.75 -13.96
C LYS A 685 -7.75 0.48 -13.26
N SER A 686 -8.98 0.52 -12.75
CA SER A 686 -9.58 -0.64 -12.07
C SER A 686 -9.68 -1.80 -13.05
N LYS A 687 -10.04 -1.48 -14.29
CA LYS A 687 -10.22 -2.46 -15.33
C LYS A 687 -8.89 -3.16 -15.64
N ILE A 688 -7.84 -2.37 -15.82
CA ILE A 688 -6.52 -2.92 -16.10
C ILE A 688 -6.10 -3.86 -14.97
N VAL A 689 -6.29 -3.45 -13.72
CA VAL A 689 -5.94 -4.31 -12.60
C VAL A 689 -6.69 -5.62 -12.71
N GLU A 690 -7.98 -5.52 -13.03
CA GLU A 690 -8.84 -6.69 -13.17
C GLU A 690 -8.33 -7.66 -14.23
N TYR A 691 -7.89 -7.14 -15.38
CA TYR A 691 -7.37 -8.00 -16.44
C TYR A 691 -6.13 -8.74 -15.90
N LEU A 692 -5.20 -8.01 -15.29
CA LEU A 692 -4.02 -8.64 -14.73
C LEU A 692 -4.43 -9.77 -13.79
N GLN A 693 -5.40 -9.51 -12.91
CA GLN A 693 -5.86 -10.51 -11.95
C GLN A 693 -6.51 -11.71 -12.62
N SER A 694 -7.02 -11.54 -13.84
CA SER A 694 -7.66 -12.64 -14.56
C SER A 694 -6.63 -13.69 -15.01
N TYR A 695 -5.35 -13.34 -14.95
CA TYR A 695 -4.30 -14.27 -15.32
C TYR A 695 -3.69 -14.81 -14.04
N ASP A 696 -4.39 -14.63 -12.93
CA ASP A 696 -3.92 -15.10 -11.63
C ASP A 696 -2.60 -14.44 -11.23
N GLU A 697 -2.55 -13.12 -11.37
CA GLU A 697 -1.38 -12.36 -11.01
C GLU A 697 -1.71 -11.47 -9.83
N ILE A 698 -0.89 -11.54 -8.80
CA ILE A 698 -1.10 -10.72 -7.64
C ILE A 698 -0.64 -9.34 -8.07
N THR A 699 -1.58 -8.40 -8.13
CA THR A 699 -1.25 -7.06 -8.57
C THR A 699 -1.29 -6.00 -7.47
N ALA A 700 -0.39 -5.04 -7.56
CA ALA A 700 -0.33 -3.95 -6.61
C ALA A 700 -0.64 -2.72 -7.43
N MET A 701 -1.16 -1.69 -6.77
CA MET A 701 -1.44 -0.43 -7.45
C MET A 701 -0.81 0.65 -6.60
N THR A 702 -0.34 1.71 -7.24
CA THR A 702 0.32 2.79 -6.52
C THR A 702 -0.28 4.10 -6.99
N GLY A 703 -0.82 4.87 -6.06
CA GLY A 703 -1.44 6.13 -6.42
C GLY A 703 -1.48 7.20 -5.34
N ASP A 704 -2.01 8.36 -5.73
CA ASP A 704 -2.07 9.49 -4.83
C ASP A 704 -3.40 10.23 -4.91
N GLY A 705 -4.00 10.22 -6.10
CA GLY A 705 -5.25 10.93 -6.29
C GLY A 705 -6.54 10.15 -6.26
N VAL A 706 -7.64 10.91 -6.27
CA VAL A 706 -8.97 10.35 -6.25
C VAL A 706 -9.13 9.33 -7.36
N ASN A 707 -8.61 9.65 -8.54
CA ASN A 707 -8.73 8.75 -9.68
C ASN A 707 -7.99 7.43 -9.50
N ASP A 708 -7.24 7.28 -8.40
CA ASP A 708 -6.53 6.01 -8.13
C ASP A 708 -7.28 5.14 -7.12
N ALA A 709 -8.22 5.73 -6.38
CA ALA A 709 -8.96 5.01 -5.34
C ALA A 709 -9.58 3.67 -5.75
N PRO A 710 -10.33 3.63 -6.87
CA PRO A 710 -10.92 2.36 -7.28
C PRO A 710 -9.86 1.27 -7.51
N ALA A 711 -8.85 1.59 -8.31
CA ALA A 711 -7.78 0.64 -8.61
C ALA A 711 -7.03 0.23 -7.37
N LEU A 712 -6.76 1.19 -6.48
CA LEU A 712 -6.06 0.87 -5.25
C LEU A 712 -6.83 -0.17 -4.45
N LYS A 713 -8.15 -0.06 -4.45
CA LYS A 713 -8.95 -1.01 -3.70
C LYS A 713 -8.99 -2.39 -4.36
N LYS A 714 -9.13 -2.44 -5.67
CA LYS A 714 -9.18 -3.70 -6.38
C LYS A 714 -7.87 -4.49 -6.34
N ALA A 715 -6.75 -3.79 -6.32
CA ALA A 715 -5.45 -4.45 -6.27
C ALA A 715 -5.33 -5.20 -4.95
N GLU A 716 -4.65 -6.34 -4.97
CA GLU A 716 -4.43 -7.13 -3.76
C GLU A 716 -3.73 -6.27 -2.72
N ILE A 717 -2.86 -5.38 -3.18
CA ILE A 717 -2.13 -4.47 -2.31
C ILE A 717 -2.17 -3.06 -2.87
N GLY A 718 -2.89 -2.16 -2.18
CA GLY A 718 -2.96 -0.79 -2.60
C GLY A 718 -1.87 -0.03 -1.87
N ILE A 719 -1.12 0.81 -2.59
CA ILE A 719 -0.03 1.58 -1.99
C ILE A 719 -0.27 3.06 -2.30
N ALA A 720 -0.53 3.84 -1.25
CA ALA A 720 -0.80 5.26 -1.40
C ALA A 720 0.35 6.15 -0.95
N MET A 721 0.55 7.24 -1.68
CA MET A 721 1.61 8.17 -1.35
C MET A 721 1.26 8.93 -0.08
N GLY A 722 2.25 9.11 0.80
CA GLY A 722 2.03 9.85 2.03
C GLY A 722 1.53 11.27 1.79
N SER A 723 1.88 11.85 0.65
CA SER A 723 1.47 13.20 0.32
C SER A 723 0.28 13.18 -0.63
N GLY A 724 -0.38 12.03 -0.72
CA GLY A 724 -1.53 11.92 -1.61
C GLY A 724 -2.83 12.25 -0.89
N THR A 725 -3.96 11.98 -1.56
CA THR A 725 -5.27 12.26 -1.02
C THR A 725 -5.71 11.31 0.09
N ALA A 726 -6.74 11.72 0.81
CA ALA A 726 -7.31 10.93 1.90
C ALA A 726 -8.00 9.69 1.34
N VAL A 727 -8.69 9.83 0.22
CA VAL A 727 -9.36 8.69 -0.40
C VAL A 727 -8.35 7.58 -0.69
N ALA A 728 -7.35 7.89 -1.50
CA ALA A 728 -6.32 6.93 -1.89
C ALA A 728 -5.73 6.17 -0.70
N LYS A 729 -5.53 6.87 0.40
CA LYS A 729 -4.96 6.21 1.58
C LYS A 729 -5.95 5.23 2.21
N THR A 730 -7.22 5.59 2.30
CA THR A 730 -8.19 4.71 2.91
C THR A 730 -8.40 3.48 2.04
N ALA A 731 -8.10 3.59 0.75
CA ALA A 731 -8.26 2.49 -0.19
C ALA A 731 -7.00 1.63 -0.27
N SER A 732 -6.02 1.89 0.57
CA SER A 732 -4.76 1.16 0.52
C SER A 732 -4.42 0.34 1.74
N GLU A 733 -3.58 -0.67 1.55
CA GLU A 733 -3.14 -1.51 2.64
C GLU A 733 -1.86 -0.95 3.20
N MET A 734 -1.17 -0.14 2.39
CA MET A 734 0.10 0.44 2.81
C MET A 734 0.25 1.90 2.35
N VAL A 735 0.92 2.71 3.16
CA VAL A 735 1.15 4.12 2.84
C VAL A 735 2.63 4.48 2.97
N LEU A 736 3.19 5.08 1.92
CA LEU A 736 4.60 5.49 1.91
C LEU A 736 4.67 6.91 2.49
N ALA A 737 4.69 6.99 3.82
CA ALA A 737 4.72 8.28 4.52
C ALA A 737 5.84 9.17 4.00
N ASP A 738 6.89 8.51 3.55
CA ASP A 738 8.11 9.12 3.05
C ASP A 738 8.08 9.44 1.54
N ASP A 739 7.03 8.97 0.86
CA ASP A 739 6.91 9.13 -0.59
C ASP A 739 8.07 8.47 -1.31
N ASN A 740 8.80 7.60 -0.61
CA ASN A 740 9.92 6.90 -1.21
C ASN A 740 9.41 5.66 -1.95
N PHE A 741 9.41 5.74 -3.28
CA PHE A 741 8.93 4.66 -4.13
C PHE A 741 9.75 3.39 -3.98
N SER A 742 11.04 3.51 -3.66
CA SER A 742 11.88 2.34 -3.51
C SER A 742 11.54 1.51 -2.25
N THR A 743 10.77 2.09 -1.34
CA THR A 743 10.36 1.37 -0.14
C THR A 743 9.44 0.23 -0.59
N ILE A 744 8.80 0.40 -1.73
CA ILE A 744 7.91 -0.64 -2.26
C ILE A 744 8.72 -1.91 -2.52
N VAL A 745 9.91 -1.74 -3.08
CA VAL A 745 10.78 -2.87 -3.37
C VAL A 745 11.29 -3.49 -2.06
N ALA A 746 11.47 -2.67 -1.04
CA ALA A 746 11.95 -3.19 0.24
C ALA A 746 10.82 -3.98 0.88
N ALA A 747 9.59 -3.53 0.65
CA ALA A 747 8.42 -4.19 1.19
C ALA A 747 8.25 -5.53 0.51
N VAL A 748 8.47 -5.57 -0.81
CA VAL A 748 8.35 -6.82 -1.54
C VAL A 748 9.39 -7.80 -1.00
N GLU A 749 10.63 -7.32 -0.86
CA GLU A 749 11.70 -8.16 -0.36
C GLU A 749 11.31 -8.70 1.01
N GLU A 750 10.85 -7.80 1.88
CA GLU A 750 10.40 -8.15 3.22
C GLU A 750 9.28 -9.20 3.12
N GLY A 751 8.33 -8.97 2.22
CA GLY A 751 7.23 -9.90 2.03
C GLY A 751 7.66 -11.28 1.57
N ARG A 752 8.71 -11.36 0.78
CA ARG A 752 9.19 -12.65 0.29
C ARG A 752 9.90 -13.42 1.40
N ALA A 753 10.72 -12.72 2.18
CA ALA A 753 11.44 -13.35 3.28
C ALA A 753 10.43 -13.85 4.31
N ILE A 754 9.49 -12.97 4.67
CA ILE A 754 8.45 -13.30 5.64
C ILE A 754 7.73 -14.58 5.20
N TYR A 755 7.21 -14.58 3.99
CA TYR A 755 6.49 -15.74 3.51
C TYR A 755 7.28 -17.06 3.55
N ASN A 756 8.55 -17.01 3.18
CA ASN A 756 9.36 -18.22 3.20
C ASN A 756 9.49 -18.77 4.62
N ASN A 757 9.68 -17.89 5.58
CA ASN A 757 9.78 -18.32 6.97
C ASN A 757 8.43 -18.84 7.44
N MET A 758 7.35 -18.13 7.08
CA MET A 758 6.01 -18.53 7.47
C MET A 758 5.73 -19.94 6.99
N LYS A 759 6.10 -20.23 5.74
CA LYS A 759 5.87 -21.55 5.19
C LYS A 759 6.55 -22.58 6.07
N GLN A 760 7.77 -22.29 6.51
CA GLN A 760 8.48 -23.22 7.36
C GLN A 760 7.79 -23.44 8.72
N PHE A 761 7.31 -22.38 9.39
CA PHE A 761 6.67 -22.63 10.68
C PHE A 761 5.24 -23.15 10.55
N ILE A 762 4.55 -22.81 9.47
CA ILE A 762 3.20 -23.33 9.28
C ILE A 762 3.37 -24.84 9.11
N ARG A 763 4.30 -25.21 8.22
CA ARG A 763 4.61 -26.62 7.95
C ARG A 763 5.00 -27.35 9.23
N TYR A 764 5.86 -26.72 10.00
CA TYR A 764 6.32 -27.28 11.26
C TYR A 764 5.14 -27.61 12.17
N LEU A 765 4.34 -26.60 12.47
CA LEU A 765 3.18 -26.75 13.33
C LEU A 765 2.15 -27.75 12.84
N ILE A 766 1.76 -27.64 11.57
CA ILE A 766 0.76 -28.56 11.03
C ILE A 766 1.31 -29.98 11.00
N SER A 767 2.62 -30.09 10.83
CA SER A 767 3.27 -31.39 10.77
C SER A 767 3.11 -32.13 12.11
N SER A 768 3.35 -31.43 13.21
CA SER A 768 3.23 -32.03 14.53
C SER A 768 1.79 -32.43 14.84
N ASN A 769 0.82 -31.73 14.27
CA ASN A 769 -0.58 -32.07 14.50
C ASN A 769 -0.88 -33.43 13.85
N VAL A 770 -0.24 -33.69 12.72
CA VAL A 770 -0.44 -34.96 12.03
C VAL A 770 0.01 -36.07 12.96
N GLY A 771 1.24 -35.97 13.45
CA GLY A 771 1.77 -36.97 14.35
C GLY A 771 0.89 -37.12 15.58
N GLU A 772 0.36 -36.00 16.08
CA GLU A 772 -0.48 -36.02 17.26
C GLU A 772 -1.79 -36.78 17.00
N VAL A 773 -2.34 -36.63 15.80
CA VAL A 773 -3.57 -37.33 15.48
C VAL A 773 -3.30 -38.83 15.32
N VAL A 774 -2.11 -39.16 14.82
CA VAL A 774 -1.74 -40.56 14.63
C VAL A 774 -1.63 -41.22 16.01
N CYS A 775 -1.14 -40.47 17.00
CA CYS A 775 -1.01 -41.00 18.34
C CYS A 775 -2.39 -41.30 18.92
N ILE A 776 -3.28 -40.32 18.86
CA ILE A 776 -4.64 -40.46 19.36
C ILE A 776 -5.35 -41.63 18.69
N PHE A 777 -5.38 -41.64 17.37
CA PHE A 777 -6.03 -42.70 16.62
C PHE A 777 -5.50 -44.08 16.96
N LEU A 778 -4.18 -44.20 17.04
CA LEU A 778 -3.54 -45.47 17.36
C LEU A 778 -4.03 -46.07 18.67
N THR A 779 -4.01 -45.27 19.72
CA THR A 779 -4.44 -45.74 21.04
C THR A 779 -5.93 -46.07 21.07
N ALA A 780 -6.73 -45.27 20.35
CA ALA A 780 -8.16 -45.50 20.31
C ALA A 780 -8.45 -46.78 19.51
N ALA A 781 -7.60 -47.06 18.53
CA ALA A 781 -7.78 -48.24 17.69
C ALA A 781 -7.25 -49.49 18.39
N LEU A 782 -6.08 -49.37 19.00
CA LEU A 782 -5.46 -50.49 19.70
C LEU A 782 -6.12 -50.80 21.04
N GLY A 783 -7.01 -49.91 21.49
CA GLY A 783 -7.68 -50.12 22.76
C GLY A 783 -6.82 -49.71 23.94
N LEU A 784 -5.58 -49.33 23.68
CA LEU A 784 -4.66 -48.91 24.72
C LEU A 784 -5.15 -47.65 25.42
N PRO A 785 -4.58 -47.35 26.60
CA PRO A 785 -4.96 -46.15 27.35
C PRO A 785 -4.43 -44.88 26.67
N GLU A 786 -4.89 -43.72 27.11
CA GLU A 786 -4.45 -42.46 26.50
C GLU A 786 -3.02 -42.10 26.86
N ALA A 787 -2.19 -41.95 25.83
CA ALA A 787 -0.78 -41.60 26.02
C ALA A 787 -0.62 -40.10 26.20
N LEU A 788 -1.47 -39.33 25.54
CA LEU A 788 -1.46 -37.88 25.65
C LEU A 788 -2.90 -37.41 25.79
N ILE A 789 -3.09 -36.34 26.55
CA ILE A 789 -4.42 -35.78 26.77
C ILE A 789 -4.44 -34.31 26.37
N PRO A 790 -5.61 -33.79 25.95
CA PRO A 790 -5.79 -32.40 25.52
C PRO A 790 -5.02 -31.30 26.26
N VAL A 791 -4.96 -31.38 27.58
CA VAL A 791 -4.25 -30.36 28.34
C VAL A 791 -2.77 -30.35 27.99
N GLN A 792 -2.23 -31.53 27.68
CA GLN A 792 -0.82 -31.67 27.32
C GLN A 792 -0.59 -31.20 25.88
N LEU A 793 -1.54 -31.53 25.01
CA LEU A 793 -1.46 -31.16 23.60
C LEU A 793 -1.54 -29.65 23.39
N LEU A 794 -2.42 -28.98 24.14
CA LEU A 794 -2.61 -27.53 24.06
C LEU A 794 -1.37 -26.77 24.53
N TRP A 795 -0.68 -27.30 25.53
CA TRP A 795 0.52 -26.62 26.03
C TRP A 795 1.65 -26.72 25.02
N VAL A 796 1.77 -27.89 24.38
CA VAL A 796 2.81 -28.11 23.37
C VAL A 796 2.53 -27.35 22.08
N ASN A 797 1.25 -27.34 21.67
CA ASN A 797 0.87 -26.65 20.44
C ASN A 797 0.95 -25.13 20.56
N LEU A 798 0.88 -24.62 21.79
CA LEU A 798 0.93 -23.19 22.03
C LEU A 798 2.28 -22.67 22.51
N VAL A 799 2.92 -23.41 23.40
CA VAL A 799 4.19 -22.98 23.97
C VAL A 799 5.42 -23.72 23.46
N THR A 800 5.54 -25.00 23.82
CA THR A 800 6.68 -25.82 23.42
C THR A 800 7.04 -25.69 21.94
N ASP A 801 6.03 -25.76 21.07
CA ASP A 801 6.25 -25.66 19.64
C ASP A 801 6.03 -24.25 19.13
N GLY A 802 5.21 -23.49 19.85
CA GLY A 802 4.93 -22.12 19.45
C GLY A 802 6.17 -21.24 19.47
N LEU A 803 7.04 -21.47 20.45
CA LEU A 803 8.26 -20.67 20.55
C LEU A 803 9.20 -20.92 19.38
N PRO A 804 9.50 -22.20 19.08
CA PRO A 804 10.40 -22.48 17.94
C PRO A 804 9.80 -22.04 16.60
N ALA A 805 8.47 -22.09 16.49
CA ALA A 805 7.79 -21.68 15.26
C ALA A 805 8.01 -20.19 15.02
N THR A 806 8.06 -19.42 16.10
CA THR A 806 8.30 -18.00 16.02
C THR A 806 9.74 -17.79 15.60
N ALA A 807 10.62 -18.61 16.15
CA ALA A 807 12.04 -18.54 15.85
C ALA A 807 12.30 -18.83 14.37
N LEU A 808 11.52 -19.74 13.80
CA LEU A 808 11.66 -20.09 12.39
C LEU A 808 11.25 -18.86 11.59
N GLY A 809 10.38 -18.06 12.20
CA GLY A 809 9.94 -16.84 11.54
C GLY A 809 11.12 -15.92 11.35
N PHE A 810 12.20 -16.17 12.08
CA PHE A 810 13.40 -15.35 11.99
C PHE A 810 14.50 -16.05 11.23
N ASN A 811 14.16 -17.06 10.43
CA ASN A 811 15.16 -17.76 9.65
C ASN A 811 15.81 -16.76 8.70
N PRO A 812 17.13 -16.85 8.52
CA PRO A 812 17.81 -15.91 7.62
C PRO A 812 17.31 -16.13 6.19
N PRO A 813 16.93 -15.04 5.50
CA PRO A 813 16.44 -15.16 4.11
C PRO A 813 17.54 -15.54 3.12
N ASP A 814 17.15 -16.13 2.00
CA ASP A 814 18.12 -16.54 0.99
C ASP A 814 18.78 -15.30 0.40
N LEU A 815 20.01 -15.44 -0.07
CA LEU A 815 20.74 -14.32 -0.65
C LEU A 815 20.21 -13.87 -2.00
N ASP A 816 19.53 -14.77 -2.72
CA ASP A 816 19.00 -14.43 -4.03
C ASP A 816 17.49 -14.22 -3.98
N ILE A 817 16.99 -13.88 -2.80
CA ILE A 817 15.56 -13.67 -2.58
C ILE A 817 14.89 -12.78 -3.64
N MET A 818 15.59 -11.75 -4.10
CA MET A 818 15.06 -10.83 -5.10
C MET A 818 15.66 -11.00 -6.50
N ASP A 819 16.16 -12.19 -6.80
CA ASP A 819 16.76 -12.49 -8.09
C ASP A 819 16.02 -13.69 -8.66
N ARG A 820 14.73 -13.74 -8.37
CA ARG A 820 13.90 -14.85 -8.82
C ARG A 820 12.49 -14.32 -9.04
N PRO A 821 11.71 -15.00 -9.88
CA PRO A 821 10.34 -14.52 -10.12
C PRO A 821 9.47 -14.69 -8.89
N PRO A 822 8.29 -14.06 -8.88
CA PRO A 822 7.38 -14.18 -7.75
C PRO A 822 6.88 -15.62 -7.72
N ARG A 823 6.61 -16.17 -6.55
CA ARG A 823 6.08 -17.52 -6.51
C ARG A 823 4.60 -17.48 -6.91
N SER A 824 4.05 -18.61 -7.35
CA SER A 824 2.66 -18.67 -7.75
C SER A 824 1.72 -18.55 -6.56
N PRO A 825 0.62 -17.80 -6.72
CA PRO A 825 -0.36 -17.60 -5.65
C PRO A 825 -1.06 -18.92 -5.29
N LYS A 826 -1.14 -19.82 -6.26
CA LYS A 826 -1.81 -21.10 -6.07
C LYS A 826 -0.88 -22.19 -5.52
N GLU A 827 0.41 -21.86 -5.39
CA GLU A 827 1.36 -22.82 -4.86
C GLU A 827 0.91 -23.32 -3.50
N PRO A 828 0.71 -24.64 -3.37
CA PRO A 828 0.27 -25.25 -2.11
C PRO A 828 1.43 -25.32 -1.10
N LEU A 829 1.15 -25.11 0.18
CA LEU A 829 2.22 -25.15 1.17
C LEU A 829 2.80 -26.55 1.35
N ILE A 830 1.98 -27.57 1.14
CA ILE A 830 2.41 -28.96 1.28
C ILE A 830 1.81 -29.84 0.18
N SER A 831 2.66 -30.64 -0.46
CA SER A 831 2.23 -31.55 -1.52
C SER A 831 3.41 -32.39 -2.00
N GLY A 832 3.14 -33.31 -2.92
CA GLY A 832 4.20 -34.14 -3.47
C GLY A 832 5.07 -34.84 -2.44
N TRP A 833 6.38 -34.85 -2.68
CA TRP A 833 7.30 -35.51 -1.77
C TRP A 833 7.11 -35.06 -0.32
N LEU A 834 7.06 -33.75 -0.10
CA LEU A 834 6.91 -33.19 1.24
C LEU A 834 5.68 -33.77 1.96
N PHE A 835 4.61 -34.01 1.23
CA PHE A 835 3.39 -34.58 1.81
C PHE A 835 3.75 -35.95 2.37
N PHE A 836 4.56 -36.70 1.60
CA PHE A 836 5.00 -38.03 2.00
C PHE A 836 5.94 -37.96 3.20
N ARG A 837 6.76 -36.93 3.24
CA ARG A 837 7.70 -36.75 4.35
C ARG A 837 6.95 -36.57 5.67
N TYR A 838 6.01 -35.63 5.68
CA TYR A 838 5.23 -35.33 6.87
C TYR A 838 4.32 -36.52 7.16
N MET A 839 4.09 -37.32 6.14
CA MET A 839 3.25 -38.50 6.28
C MET A 839 4.06 -39.50 7.11
N ALA A 840 5.32 -39.69 6.73
CA ALA A 840 6.20 -40.62 7.43
C ALA A 840 6.58 -40.11 8.81
N ILE A 841 6.78 -38.80 8.95
CA ILE A 841 7.13 -38.22 10.24
C ILE A 841 5.91 -38.36 11.16
N GLY A 842 4.73 -38.05 10.63
CA GLY A 842 3.52 -38.16 11.43
C GLY A 842 3.36 -39.58 11.97
N GLY A 843 3.48 -40.56 11.10
CA GLY A 843 3.35 -41.94 11.53
C GLY A 843 4.39 -42.24 12.58
N TYR A 844 5.62 -41.79 12.32
CA TYR A 844 6.72 -42.00 13.24
C TYR A 844 6.45 -41.42 14.64
N VAL A 845 5.79 -40.27 14.70
CA VAL A 845 5.49 -39.63 15.97
C VAL A 845 4.40 -40.42 16.72
N GLY A 846 3.34 -40.78 16.01
CA GLY A 846 2.28 -41.54 16.64
C GLY A 846 2.79 -42.82 17.25
N ALA A 847 3.51 -43.60 16.45
CA ALA A 847 4.06 -44.87 16.92
C ALA A 847 5.09 -44.67 18.04
N ALA A 848 5.88 -43.61 17.97
CA ALA A 848 6.88 -43.36 18.98
C ALA A 848 6.29 -42.88 20.30
N THR A 849 5.21 -42.11 20.22
CA THR A 849 4.58 -41.58 21.41
C THR A 849 3.77 -42.68 22.12
N VAL A 850 2.98 -43.42 21.35
CA VAL A 850 2.18 -44.50 21.90
C VAL A 850 3.13 -45.60 22.38
N GLY A 851 4.16 -45.86 21.58
CA GLY A 851 5.12 -46.89 21.94
C GLY A 851 5.87 -46.58 23.21
N ALA A 852 6.21 -45.31 23.42
CA ALA A 852 6.92 -44.92 24.63
C ALA A 852 6.06 -45.20 25.85
N ALA A 853 4.77 -44.90 25.73
CA ALA A 853 3.83 -45.12 26.83
C ALA A 853 3.74 -46.61 27.12
N ALA A 854 3.46 -47.37 26.07
CA ALA A 854 3.33 -48.81 26.17
C ALA A 854 4.60 -49.42 26.76
N TRP A 855 5.75 -48.90 26.32
CA TRP A 855 7.03 -49.38 26.80
C TRP A 855 7.06 -49.38 28.32
N TRP A 856 6.79 -48.21 28.92
CA TRP A 856 6.80 -48.11 30.37
C TRP A 856 5.83 -49.11 30.98
N PHE A 857 4.71 -49.34 30.30
CA PHE A 857 3.68 -50.27 30.75
C PHE A 857 4.09 -51.73 30.67
N MET A 858 5.01 -52.05 29.77
CA MET A 858 5.41 -53.45 29.58
C MET A 858 6.87 -53.81 29.84
N TYR A 859 7.79 -52.87 29.63
CA TYR A 859 9.20 -53.19 29.83
C TYR A 859 9.97 -52.35 30.84
N ALA A 860 9.47 -51.15 31.13
CA ALA A 860 10.14 -50.29 32.09
C ALA A 860 10.50 -51.06 33.36
N GLU A 861 11.77 -50.98 33.75
CA GLU A 861 12.27 -51.66 34.95
C GLU A 861 11.51 -51.24 36.21
N ASP A 862 10.74 -50.16 36.11
CA ASP A 862 10.00 -49.68 37.26
C ASP A 862 8.50 -49.54 37.00
N GLY A 863 8.05 -50.11 35.89
CA GLY A 863 6.64 -50.07 35.57
C GLY A 863 6.07 -51.46 35.75
N PRO A 864 4.78 -51.66 35.51
CA PRO A 864 4.21 -53.01 35.68
C PRO A 864 4.63 -53.88 34.49
N GLY A 865 4.74 -55.18 34.71
CA GLY A 865 5.12 -56.07 33.64
C GLY A 865 3.87 -56.56 32.94
N VAL A 866 3.03 -55.61 32.53
CA VAL A 866 1.77 -55.90 31.87
C VAL A 866 1.94 -56.57 30.50
N THR A 867 0.97 -57.39 30.11
CA THR A 867 1.01 -58.07 28.83
C THR A 867 0.35 -57.15 27.81
N TYR A 868 0.62 -57.40 26.53
CA TYR A 868 0.08 -56.55 25.49
C TYR A 868 -1.45 -56.41 25.46
N HIS A 869 -2.17 -57.52 25.39
CA HIS A 869 -3.63 -57.42 25.32
C HIS A 869 -4.33 -57.16 26.65
N GLN A 870 -3.63 -57.30 27.75
CA GLN A 870 -4.27 -56.99 29.02
C GLN A 870 -4.11 -55.48 29.19
N LEU A 871 -3.39 -54.89 28.25
CA LEU A 871 -3.16 -53.45 28.21
C LEU A 871 -4.15 -52.88 27.19
N THR A 872 -4.42 -53.66 26.14
CA THR A 872 -5.37 -53.25 25.10
C THR A 872 -6.78 -53.54 25.58
N HIS A 873 -6.87 -54.24 26.71
CA HIS A 873 -8.16 -54.58 27.33
C HIS A 873 -8.17 -54.06 28.76
N PHE A 874 -7.27 -53.14 29.06
CA PHE A 874 -7.15 -52.55 30.39
C PHE A 874 -8.52 -52.06 30.88
N MET A 875 -9.43 -51.79 29.96
CA MET A 875 -10.76 -51.32 30.30
C MET A 875 -11.53 -52.37 31.11
N GLN A 876 -11.22 -53.63 30.87
CA GLN A 876 -11.87 -54.75 31.56
C GLN A 876 -11.09 -55.20 32.78
N CYS A 877 -10.32 -54.30 33.38
CA CYS A 877 -9.52 -54.65 34.55
C CYS A 877 -10.40 -54.91 35.76
N THR A 878 -11.20 -53.93 36.13
CA THR A 878 -12.09 -54.03 37.28
C THR A 878 -13.00 -55.25 37.25
N GLU A 879 -13.91 -55.29 36.28
CA GLU A 879 -14.86 -56.39 36.14
C GLU A 879 -14.24 -57.77 36.00
N ASP A 880 -13.18 -57.88 35.20
CA ASP A 880 -12.54 -59.17 34.98
C ASP A 880 -11.14 -59.24 35.54
N HIS A 881 -11.02 -59.14 36.85
CA HIS A 881 -9.69 -59.14 37.47
C HIS A 881 -9.02 -60.51 37.32
N PRO A 882 -9.77 -61.63 37.42
CA PRO A 882 -9.19 -62.98 37.33
C PRO A 882 -8.41 -63.24 36.07
N HIS A 883 -9.01 -62.94 34.94
CA HIS A 883 -8.35 -63.16 33.62
C HIS A 883 -6.92 -62.61 33.71
N PHE A 884 -6.84 -61.32 33.55
CA PHE A 884 -5.59 -60.55 33.66
C PHE A 884 -5.71 -59.84 35.02
N GLU A 885 -5.17 -60.49 36.03
CA GLU A 885 -5.25 -60.02 37.46
C GLU A 885 -4.05 -59.17 37.88
N GLY A 886 -3.38 -59.69 38.87
CA GLY A 886 -2.13 -59.13 39.41
C GLY A 886 -2.22 -57.84 40.28
N LEU A 887 -2.26 -56.67 39.64
CA LEU A 887 -2.16 -55.39 40.39
C LEU A 887 -3.39 -54.46 40.33
N ASP A 888 -3.11 -53.25 40.85
CA ASP A 888 -4.07 -52.14 40.96
C ASP A 888 -4.58 -51.70 39.58
N CYS A 889 -5.91 -51.63 39.44
CA CYS A 889 -6.53 -51.22 38.17
C CYS A 889 -6.39 -49.73 37.86
N GLU A 890 -5.75 -48.98 38.76
CA GLU A 890 -5.58 -47.55 38.54
C GLU A 890 -4.24 -47.24 37.89
N ILE A 891 -3.33 -48.21 37.91
CA ILE A 891 -2.01 -48.00 37.32
C ILE A 891 -2.13 -47.67 35.83
N PHE A 892 -3.25 -48.00 35.23
CA PHE A 892 -3.49 -47.72 33.81
C PHE A 892 -3.72 -46.22 33.59
N GLU A 893 -3.88 -45.48 34.68
CA GLU A 893 -4.11 -44.04 34.59
C GLU A 893 -2.92 -43.32 35.19
N ALA A 894 -1.78 -44.01 35.25
CA ALA A 894 -0.56 -43.46 35.80
C ALA A 894 0.02 -42.34 34.93
N PRO A 895 0.70 -41.38 35.55
CA PRO A 895 1.29 -40.25 34.83
C PRO A 895 2.61 -40.59 34.13
N GLU A 896 3.31 -41.61 34.64
CA GLU A 896 4.60 -42.00 34.05
C GLU A 896 4.51 -42.27 32.55
N PRO A 897 3.56 -43.13 32.12
CA PRO A 897 3.45 -43.43 30.68
C PRO A 897 3.15 -42.20 29.80
N MET A 898 2.26 -41.32 30.25
CA MET A 898 1.94 -40.13 29.47
C MET A 898 3.12 -39.18 29.43
N THR A 899 3.86 -39.10 30.53
CA THR A 899 5.02 -38.24 30.64
C THR A 899 6.09 -38.77 29.69
N MET A 900 6.11 -40.07 29.55
CA MET A 900 7.05 -40.74 28.67
C MET A 900 6.67 -40.38 27.24
N ALA A 901 5.37 -40.34 26.97
CA ALA A 901 4.85 -40.01 25.64
C ALA A 901 5.01 -38.52 25.32
N LEU A 902 4.69 -37.65 26.26
CA LEU A 902 4.81 -36.22 26.04
C LEU A 902 6.27 -35.83 25.82
N SER A 903 7.16 -36.36 26.66
CA SER A 903 8.60 -36.07 26.55
C SER A 903 9.14 -36.48 25.18
N VAL A 904 8.52 -37.50 24.59
CA VAL A 904 8.92 -37.98 23.27
C VAL A 904 8.40 -37.03 22.19
N LEU A 905 7.18 -36.54 22.39
CA LEU A 905 6.56 -35.60 21.47
C LEU A 905 7.41 -34.35 21.45
N VAL A 906 7.66 -33.82 22.64
CA VAL A 906 8.46 -32.63 22.79
C VAL A 906 9.84 -32.79 22.14
N THR A 907 10.62 -33.76 22.60
CA THR A 907 11.96 -33.99 22.06
C THR A 907 11.92 -34.12 20.54
N ILE A 908 10.93 -34.83 20.02
CA ILE A 908 10.78 -35.03 18.58
C ILE A 908 10.52 -33.69 17.88
N GLU A 909 9.67 -32.85 18.49
CA GLU A 909 9.38 -31.56 17.89
C GLU A 909 10.59 -30.63 17.89
N MET A 910 11.43 -30.74 18.92
CA MET A 910 12.62 -29.91 18.95
C MET A 910 13.50 -30.27 17.76
N CYS A 911 13.58 -31.56 17.48
CA CYS A 911 14.36 -32.07 16.37
C CYS A 911 13.75 -31.67 15.04
N ASN A 912 12.43 -31.77 14.91
CA ASN A 912 11.77 -31.42 13.67
C ASN A 912 11.80 -29.92 13.45
N ALA A 913 12.06 -29.16 14.51
CA ALA A 913 12.15 -27.72 14.38
C ALA A 913 13.44 -27.47 13.61
N LEU A 914 14.49 -28.22 13.98
CA LEU A 914 15.78 -28.12 13.33
C LEU A 914 15.70 -28.63 11.89
N ASN A 915 14.76 -29.53 11.64
CA ASN A 915 14.59 -30.07 10.28
C ASN A 915 13.82 -29.06 9.45
N SER A 916 13.19 -28.11 10.13
CA SER A 916 12.38 -27.08 9.48
C SER A 916 13.14 -25.82 9.06
N LEU A 917 14.43 -25.74 9.41
CA LEU A 917 15.25 -24.59 9.03
C LEU A 917 15.28 -24.49 7.51
N SER A 918 15.51 -25.64 6.88
CA SER A 918 15.56 -25.71 5.42
C SER A 918 14.65 -26.83 4.92
N GLU A 919 13.95 -26.56 3.83
CA GLU A 919 13.05 -27.55 3.26
C GLU A 919 13.78 -28.81 2.82
N ASN A 920 14.82 -28.64 2.00
CA ASN A 920 15.57 -29.79 1.50
C ASN A 920 17.07 -29.80 1.78
N GLN A 921 17.55 -28.87 2.60
CA GLN A 921 18.97 -28.84 2.91
C GLN A 921 19.31 -29.60 4.19
N SER A 922 20.32 -30.45 4.10
CA SER A 922 20.77 -31.25 5.24
C SER A 922 21.33 -30.38 6.36
N LEU A 923 21.09 -30.80 7.59
CA LEU A 923 21.58 -30.06 8.75
C LEU A 923 23.10 -29.93 8.75
N MET A 924 23.76 -30.69 7.88
CA MET A 924 25.21 -30.61 7.78
C MET A 924 25.59 -29.48 6.83
N ARG A 925 24.76 -29.28 5.81
CA ARG A 925 24.97 -28.24 4.81
C ARG A 925 24.57 -26.91 5.43
N MET A 926 23.37 -26.87 6.01
CA MET A 926 22.86 -25.66 6.67
C MET A 926 22.72 -25.95 8.16
N PRO A 927 23.80 -25.69 8.92
CA PRO A 927 23.92 -25.88 10.38
C PRO A 927 22.77 -25.30 11.20
N PRO A 928 22.54 -25.85 12.40
CA PRO A 928 21.48 -25.38 13.29
C PRO A 928 21.77 -23.98 13.84
N TRP A 929 23.03 -23.61 13.89
CA TRP A 929 23.41 -22.30 14.40
C TRP A 929 23.28 -21.13 13.43
N VAL A 930 22.62 -21.37 12.29
CA VAL A 930 22.42 -20.32 11.30
C VAL A 930 21.30 -19.39 11.78
N ASN A 931 20.54 -19.87 12.75
CA ASN A 931 19.44 -19.12 13.35
C ASN A 931 19.62 -19.24 14.85
N ILE A 932 20.39 -18.33 15.44
CA ILE A 932 20.63 -18.35 16.88
C ILE A 932 19.35 -18.38 17.68
N TRP A 933 18.31 -17.70 17.19
CA TRP A 933 17.04 -17.66 17.89
C TRP A 933 16.41 -19.04 18.03
N LEU A 934 16.44 -19.84 16.97
CA LEU A 934 15.86 -21.16 17.03
C LEU A 934 16.53 -21.99 18.14
N LEU A 935 17.85 -21.91 18.23
CA LEU A 935 18.62 -22.63 19.24
C LEU A 935 18.18 -22.23 20.65
N GLY A 936 17.95 -20.94 20.85
CA GLY A 936 17.55 -20.44 22.14
C GLY A 936 16.11 -20.81 22.46
N SER A 937 15.26 -20.76 21.44
CA SER A 937 13.85 -21.10 21.63
C SER A 937 13.71 -22.54 22.08
N ILE A 938 14.59 -23.41 21.57
CA ILE A 938 14.55 -24.81 21.97
C ILE A 938 14.97 -24.92 23.43
N CYS A 939 15.98 -24.13 23.80
CA CYS A 939 16.44 -24.12 25.18
C CYS A 939 15.29 -23.66 26.07
N LEU A 940 14.61 -22.60 25.65
CA LEU A 940 13.49 -22.07 26.40
C LEU A 940 12.33 -23.07 26.49
N SER A 941 12.00 -23.71 25.37
CA SER A 941 10.93 -24.69 25.34
C SER A 941 11.26 -25.90 26.22
N MET A 942 12.51 -26.36 26.17
CA MET A 942 12.96 -27.50 26.96
C MET A 942 12.97 -27.21 28.46
N SER A 943 13.44 -26.01 28.83
CA SER A 943 13.47 -25.65 30.23
C SER A 943 12.05 -25.44 30.72
N LEU A 944 11.13 -25.17 29.80
CA LEU A 944 9.73 -24.99 30.16
C LEU A 944 9.10 -26.36 30.37
N HIS A 945 9.75 -27.39 29.83
CA HIS A 945 9.26 -28.75 29.96
C HIS A 945 9.61 -29.23 31.37
N PHE A 946 10.85 -28.95 31.78
CA PHE A 946 11.33 -29.31 33.10
C PHE A 946 10.49 -28.59 34.14
N LEU A 947 10.00 -27.41 33.76
CA LEU A 947 9.17 -26.60 34.66
C LEU A 947 7.84 -27.29 34.93
N ILE A 948 7.21 -27.73 33.85
CA ILE A 948 5.91 -28.40 33.92
C ILE A 948 6.05 -29.78 34.58
N LEU A 949 7.29 -30.22 34.78
CA LEU A 949 7.57 -31.51 35.40
C LEU A 949 8.14 -31.41 36.82
N TYR A 950 8.29 -30.20 37.33
CA TYR A 950 8.84 -30.02 38.67
C TYR A 950 8.04 -29.14 39.62
N VAL A 951 7.61 -27.97 39.14
CA VAL A 951 6.83 -27.07 39.99
C VAL A 951 5.48 -27.68 40.32
N ASP A 952 5.43 -28.33 41.48
CA ASP A 952 4.26 -29.04 42.01
C ASP A 952 2.89 -28.74 41.41
N PRO A 953 2.48 -27.46 41.39
CA PRO A 953 1.17 -27.16 40.81
C PRO A 953 0.99 -27.75 39.41
N LEU A 954 2.00 -27.52 38.57
CA LEU A 954 1.98 -27.97 37.18
C LEU A 954 1.82 -29.47 36.96
N PRO A 955 2.81 -30.27 37.38
CA PRO A 955 2.71 -31.73 37.18
C PRO A 955 1.42 -32.34 37.70
N MET A 956 0.76 -31.62 38.60
CA MET A 956 -0.49 -32.06 39.20
C MET A 956 -1.62 -31.94 38.17
N ILE A 957 -1.75 -30.76 37.58
CA ILE A 957 -2.80 -30.51 36.60
C ILE A 957 -2.52 -31.04 35.20
N PHE A 958 -1.24 -31.26 34.88
CA PHE A 958 -0.88 -31.79 33.57
C PHE A 958 -0.79 -33.31 33.55
N LYS A 959 -1.08 -33.97 34.67
CA LYS A 959 -1.03 -35.42 34.76
C LYS A 959 0.36 -35.96 34.41
N LEU A 960 1.41 -35.34 34.94
CA LEU A 960 2.76 -35.76 34.65
C LEU A 960 3.58 -36.14 35.87
N LYS A 961 4.83 -36.52 35.64
CA LYS A 961 5.75 -36.90 36.71
C LYS A 961 7.17 -37.02 36.16
N ALA A 962 8.10 -36.29 36.77
CA ALA A 962 9.49 -36.31 36.34
C ALA A 962 9.98 -37.71 36.03
N LEU A 963 10.63 -37.87 34.88
CA LEU A 963 11.15 -39.16 34.47
C LEU A 963 12.54 -39.40 35.03
N ASP A 964 13.02 -40.63 34.88
CA ASP A 964 14.34 -41.03 35.35
C ASP A 964 15.35 -40.85 34.22
N LEU A 965 16.63 -40.76 34.56
CA LEU A 965 17.68 -40.62 33.56
C LEU A 965 17.64 -41.82 32.63
N THR A 966 17.20 -42.96 33.15
CA THR A 966 17.10 -44.17 32.35
C THR A 966 15.93 -44.01 31.39
N GLN A 967 14.90 -43.29 31.84
CA GLN A 967 13.72 -43.06 31.02
C GLN A 967 13.96 -41.96 29.99
N TRP A 968 14.75 -40.94 30.35
CA TRP A 968 15.05 -39.87 29.41
C TRP A 968 15.93 -40.42 28.29
N LEU A 969 16.96 -41.15 28.67
CA LEU A 969 17.86 -41.73 27.67
C LEU A 969 17.04 -42.52 26.65
N MET A 970 15.98 -43.18 27.12
CA MET A 970 15.12 -43.95 26.23
C MET A 970 14.37 -42.96 25.36
N VAL A 971 13.91 -41.85 25.95
CA VAL A 971 13.20 -40.83 25.19
C VAL A 971 14.11 -40.36 24.06
N LEU A 972 15.39 -40.14 24.37
CA LEU A 972 16.34 -39.68 23.36
C LEU A 972 16.52 -40.69 22.24
N LYS A 973 16.71 -41.96 22.60
CA LYS A 973 16.90 -43.00 21.61
C LYS A 973 15.66 -43.16 20.73
N ILE A 974 14.50 -42.77 21.27
CA ILE A 974 13.24 -42.85 20.54
C ILE A 974 13.06 -41.65 19.63
N SER A 975 13.41 -40.47 20.14
CA SER A 975 13.25 -39.22 19.40
C SER A 975 14.33 -38.88 18.37
N LEU A 976 15.55 -38.69 18.84
CA LEU A 976 16.68 -38.33 17.98
C LEU A 976 16.65 -38.91 16.57
N PRO A 977 16.45 -40.23 16.43
CA PRO A 977 16.42 -40.82 15.09
C PRO A 977 15.50 -40.16 14.07
N VAL A 978 14.53 -39.35 14.52
CA VAL A 978 13.63 -38.67 13.58
C VAL A 978 14.46 -37.76 12.67
N ILE A 979 15.60 -37.30 13.18
CA ILE A 979 16.50 -36.45 12.42
C ILE A 979 17.10 -37.30 11.32
N GLY A 980 17.42 -38.54 11.65
CA GLY A 980 17.99 -39.44 10.65
C GLY A 980 16.97 -39.74 9.57
N LEU A 981 15.72 -39.89 9.96
CA LEU A 981 14.66 -40.17 8.99
C LEU A 981 14.54 -39.05 7.97
N ASP A 982 14.39 -37.82 8.46
CA ASP A 982 14.22 -36.67 7.58
C ASP A 982 15.51 -36.31 6.84
N GLU A 983 16.64 -36.55 7.48
CA GLU A 983 17.94 -36.28 6.87
C GLU A 983 18.09 -37.22 5.68
N ILE A 984 17.24 -38.26 5.64
CA ILE A 984 17.24 -39.23 4.56
C ILE A 984 16.22 -38.84 3.50
N LEU A 985 15.01 -38.48 3.92
CA LEU A 985 13.97 -38.08 2.99
C LEU A 985 14.38 -36.84 2.19
N LYS A 986 15.22 -36.00 2.78
CA LYS A 986 15.69 -34.79 2.10
C LYS A 986 16.67 -35.21 1.01
N PHE A 987 17.62 -36.08 1.38
CA PHE A 987 18.63 -36.58 0.47
C PHE A 987 17.97 -37.15 -0.78
N ILE A 988 16.88 -37.89 -0.59
CA ILE A 988 16.15 -38.48 -1.68
C ILE A 988 15.48 -37.40 -2.53
N ALA A 989 15.27 -36.23 -1.93
CA ALA A 989 14.62 -35.12 -2.63
C ALA A 989 15.60 -34.32 -3.48
N ARG A 990 16.86 -34.28 -3.08
CA ARG A 990 17.86 -33.52 -3.82
C ARG A 990 18.49 -34.32 -4.96
N ASN A 991 18.93 -35.54 -4.66
CA ASN A 991 19.58 -36.39 -5.64
C ASN A 991 18.63 -37.01 -6.67
N TYR A 992 17.63 -37.75 -6.20
CA TYR A 992 16.71 -38.41 -7.12
C TYR A 992 15.42 -37.62 -7.36
N LEU A 993 15.44 -36.34 -7.01
CA LEU A 993 14.28 -35.47 -7.19
C LEU A 993 14.68 -34.01 -7.38
N GLU A 994 13.71 -33.17 -7.70
CA GLU A 994 13.94 -31.74 -7.90
C GLU A 994 13.77 -31.04 -6.56
N GLY A 995 14.86 -30.87 -5.82
CA GLY A 995 14.80 -30.22 -4.53
C GLY A 995 16.08 -29.52 -4.11
MG MG B . -1.87 11.16 -9.61
BE BEF C . -2.21 9.95 -12.23
F1 BEF C . -3.30 9.70 -12.99
F2 BEF C . -2.22 11.09 -11.51
F3 BEF C . -1.07 10.10 -13.23
C34 TG1 D . -3.41 -28.71 0.77
C11 TG1 D . -3.86 -29.02 2.23
C7 TG1 D . -3.20 -30.30 2.88
C8 TG1 D . -1.69 -30.14 3.34
C9 TG1 D . -0.98 -31.42 3.82
C10 TG1 D . -1.54 -32.22 5.08
C1 TG1 D . -3.06 -32.78 4.86
C2 TG1 D . -3.50 -33.92 5.86
O1 TG1 D . -3.94 -35.10 5.13
C13 TG1 D . -3.46 -36.39 5.32
O2 TG1 D . -2.49 -36.71 5.99
C14 TG1 D . -4.34 -37.40 4.52
C15 TG1 D . -5.83 -37.63 4.86
C16 TG1 D . -6.21 -38.37 6.16
C17 TG1 D . -7.67 -38.89 6.16
C18 TG1 D . -7.93 -39.96 7.27
C19 TG1 D . -9.37 -40.53 7.37
C20 TG1 D . -9.53 -41.66 8.40
C3 TG1 D . -4.74 -33.41 6.60
O3 TG1 D . -4.28 -33.15 7.91
C21 TG1 D . -4.83 -33.87 8.89
O4 TG1 D . -5.89 -34.71 8.81
C22 TG1 D . -3.94 -33.91 10.14
C23 TG1 D . -3.58 -35.35 10.49
C24 TG1 D . -3.45 -32.91 10.89
C25 TG1 D . -3.62 -31.40 10.75
C4 TG1 D . -5.13 -32.11 5.88
C26 TG1 D . -6.37 -31.35 6.30
C5 TG1 D . -4.24 -31.78 4.91
C6 TG1 D . -4.25 -30.52 4.02
O5 TG1 D . -5.48 -30.33 3.30
C12 TG1 D . -5.32 -29.32 2.41
O12 TG1 D . -6.23 -28.75 1.81
C31 TG1 D . -1.42 -31.43 6.45
O9 TG1 D . -0.63 -33.40 5.36
C32 TG1 D . 0.69 -33.65 5.28
O10 TG1 D . 1.55 -32.84 4.95
C33 TG1 D . 1.02 -35.07 5.61
O7 TG1 D . -1.58 -29.05 4.35
C27 TG1 D . -1.07 -27.82 4.01
O8 TG1 D . -0.57 -27.53 2.94
C28 TG1 D . -1.29 -26.83 5.16
C29 TG1 D . -2.03 -25.54 4.73
C30 TG1 D . -1.69 -24.36 5.65
O6 TG1 D . -3.32 -31.43 1.93
O11 TG1 D . -3.76 -27.80 2.97
#